data_6HGA
#
_entry.id   6HGA
#
_cell.length_a   250.910
_cell.length_b   250.910
_cell.length_c   78.610
_cell.angle_alpha   90.000
_cell.angle_beta   90.000
_cell.angle_gamma   120.000
#
_symmetry.space_group_name_H-M   'P 62 2 2'
#
loop_
_entity.id
_entity.type
_entity.pdbx_description
1 polymer 'Interleukin-17 receptor C'
2 polymer 'anti-APP-tag Fab heavy-chain'
3 polymer 'anti-APP-tag Fab light-chain'
4 non-polymer 2-acetamido-2-deoxy-beta-D-glucopyranose
5 water water
#
loop_
_entity_poly.entity_id
_entity_poly.type
_entity_poly.pdbx_seq_one_letter_code
_entity_poly.pdbx_strand_id
1 'polypeptide(L)'
;ALPWLNVSADGDNVHLVLNVSEEQHFGLSLYWNQVQGPPKPRWHKNLTGPQIITLQHTDLVPCLCIQVWPLEPDSVRTNI
CPFREDPRAHQNLWQAARLRLLTLQSWLLDAPCSLPAEAALCWRAPGGDPCQPLVPPLSWEQVTVDKVLEFPLLKGHPNL
CVQVQSSEKLQLQECLWADSLGPLKDDVLLLETRGPQDQRSLCALEPSGCTSLPSKASTRAARLGEYLLQDLQSGQCLQL
WDDDLGALWACPMDKYIHKREFRH
;
B
2 'polypeptide(L)'
;(PCA)VTLKESGPGILQPSQTLSLTCSFSGFSLSTSGMGVSWIRQPSGKGLEWLAHIYWDNDRYYNPSLKSRLTISKDTF
SNQVFLKITNVDTADTATYYCARSPMNTWGDYWGQGTSVTVSSAKTTAPSVYPLAPVCGDTTGSSVTLGCLVKGYFPEPV
TLTWNSGSLSSGVHTFPAVLQSDLYTLSSSVTVTSSTWPSQSITCNVAHPASSTKVDKKIEPRGPT
;
H
3 'polypeptide(L)'
;DVVMTQTPLSLPVSLGDQASISCRSSQSLVHSNGNTYLHWYLQKPGQSPKLLIYKVSNRFSGVPDRFSGSGSGTDFTLKI
SRVEAEDLGIYFCSQNTHVPLTFGAGTKLELKRADAAPTVSIFPPSSEQLTSGGASVVCFLNNFYPKDINVKWKIDGSER
QNGVLNSWTDQDSKDSTYSMSSTLTLTKDEYERHNSYTCEATHKTSTSPIVKSFNRNEC
;
L
#
loop_
_chem_comp.id
_chem_comp.type
_chem_comp.name
_chem_comp.formula
NAG D-saccharide, beta linking 2-acetamido-2-deoxy-beta-D-glucopyranose 'C8 H15 N O6'
#
# COMPACT_ATOMS: atom_id res chain seq x y z
N LEU A 2 -70.10 -0.07 30.49
CA LEU A 2 -69.31 -0.82 31.47
C LEU A 2 -70.11 -1.84 32.35
N PRO A 3 -71.14 -1.47 33.19
CA PRO A 3 -71.82 -2.51 34.01
C PRO A 3 -72.52 -3.66 33.27
N TRP A 4 -72.52 -3.64 31.91
CA TRP A 4 -73.17 -4.63 31.06
C TRP A 4 -72.20 -5.56 30.34
N LEU A 5 -70.90 -5.20 30.35
CA LEU A 5 -69.87 -5.99 29.70
C LEU A 5 -68.76 -6.28 30.69
N ASN A 6 -68.34 -7.53 30.76
CA ASN A 6 -67.19 -8.00 31.56
C ASN A 6 -66.35 -8.96 30.73
N VAL A 7 -65.06 -9.03 31.01
CA VAL A 7 -64.19 -9.91 30.25
C VAL A 7 -63.47 -10.92 31.12
N SER A 8 -63.48 -12.18 30.68
CA SER A 8 -62.80 -13.26 31.38
C SER A 8 -61.87 -13.96 30.40
N ALA A 9 -60.56 -13.80 30.60
CA ALA A 9 -59.50 -14.42 29.81
C ALA A 9 -58.93 -15.60 30.60
N ASP A 10 -59.71 -16.11 31.58
CA ASP A 10 -59.32 -17.18 32.51
C ASP A 10 -59.73 -18.59 32.10
N GLY A 11 -60.71 -18.69 31.18
CA GLY A 11 -61.21 -19.96 30.67
C GLY A 11 -60.40 -20.42 29.46
N ASP A 12 -59.08 -20.06 29.47
CA ASP A 12 -58.04 -20.28 28.45
C ASP A 12 -58.40 -19.66 27.09
N ASN A 13 -59.65 -19.17 26.98
CA ASN A 13 -60.27 -18.48 25.85
C ASN A 13 -60.73 -17.13 26.40
N VAL A 14 -61.22 -16.25 25.52
CA VAL A 14 -61.71 -14.92 25.91
C VAL A 14 -63.24 -14.92 25.93
N HIS A 15 -63.84 -14.49 27.05
CA HIS A 15 -65.29 -14.44 27.21
C HIS A 15 -65.81 -13.03 27.38
N LEU A 16 -66.90 -12.72 26.68
CA LEU A 16 -67.57 -11.45 26.74
C LEU A 16 -68.85 -11.72 27.53
N VAL A 17 -68.82 -11.43 28.83
CA VAL A 17 -69.96 -11.64 29.71
C VAL A 17 -70.89 -10.42 29.60
N LEU A 18 -72.06 -10.62 28.95
CA LEU A 18 -73.07 -9.59 28.69
C LEU A 18 -74.18 -9.64 29.75
N ASN A 19 -74.03 -8.83 30.83
CA ASN A 19 -74.92 -8.77 31.99
C ASN A 19 -76.20 -7.90 31.74
N VAL A 20 -77.18 -8.47 31.01
CA VAL A 20 -78.49 -7.86 30.73
C VAL A 20 -79.61 -8.71 31.36
N SER A 21 -80.85 -8.16 31.44
CA SER A 21 -81.99 -8.87 32.02
C SER A 21 -82.39 -10.02 31.09
N GLU A 22 -82.97 -11.10 31.66
CA GLU A 22 -83.43 -12.32 30.96
C GLU A 22 -84.30 -12.03 29.71
N GLU A 23 -85.02 -10.90 29.76
CA GLU A 23 -86.01 -10.44 28.79
C GLU A 23 -85.46 -9.51 27.70
N GLN A 24 -84.20 -9.06 27.83
CA GLN A 24 -83.58 -8.12 26.90
C GLN A 24 -83.29 -8.65 25.48
N HIS A 25 -83.83 -7.97 24.46
CA HIS A 25 -83.63 -8.19 23.03
C HIS A 25 -82.69 -7.09 22.55
N PHE A 26 -81.59 -7.46 21.88
CA PHE A 26 -80.60 -6.49 21.41
C PHE A 26 -79.75 -6.96 20.25
N GLY A 27 -79.35 -6.00 19.40
CA GLY A 27 -78.43 -6.22 18.31
C GLY A 27 -76.99 -6.15 18.81
N LEU A 28 -76.15 -7.10 18.38
CA LEU A 28 -74.73 -7.21 18.75
C LEU A 28 -73.88 -7.33 17.49
N SER A 29 -72.81 -6.52 17.40
CA SER A 29 -71.93 -6.50 16.25
C SER A 29 -70.47 -6.41 16.70
N LEU A 30 -69.65 -7.35 16.21
CA LEU A 30 -68.21 -7.31 16.52
C LEU A 30 -67.48 -6.72 15.33
N TYR A 31 -66.59 -5.74 15.57
CA TYR A 31 -65.89 -5.06 14.49
C TYR A 31 -64.46 -4.70 14.79
N TRP A 32 -63.70 -4.40 13.74
CA TRP A 32 -62.33 -3.96 13.80
C TRP A 32 -62.43 -2.50 13.41
N ASN A 33 -62.15 -1.62 14.37
CA ASN A 33 -62.26 -0.18 14.24
C ASN A 33 -61.20 0.41 13.29
N GLN A 34 -61.40 0.23 11.98
CA GLN A 34 -60.52 0.73 10.93
C GLN A 34 -61.26 0.76 9.58
N VAL A 35 -60.94 1.75 8.71
CA VAL A 35 -61.53 1.85 7.36
C VAL A 35 -61.12 0.61 6.50
N GLN A 36 -62.11 -0.23 6.14
CA GLN A 36 -61.94 -1.51 5.42
C GLN A 36 -62.29 -1.47 3.91
N GLY A 37 -63.11 -0.50 3.49
CA GLY A 37 -63.45 -0.29 2.08
C GLY A 37 -64.83 -0.70 1.60
N PRO A 38 -64.93 -1.40 0.42
CA PRO A 38 -66.25 -1.80 -0.12
C PRO A 38 -67.03 -2.80 0.75
N PRO A 39 -68.38 -3.03 0.52
CA PRO A 39 -69.13 -3.95 1.40
C PRO A 39 -68.55 -5.36 1.59
N LYS A 40 -68.12 -5.64 2.83
CA LYS A 40 -67.55 -6.90 3.30
C LYS A 40 -68.57 -7.58 4.23
N PRO A 41 -68.61 -8.93 4.32
CA PRO A 41 -69.53 -9.57 5.27
C PRO A 41 -69.15 -9.18 6.72
N ARG A 42 -70.17 -8.93 7.56
CA ARG A 42 -69.98 -8.48 8.94
C ARG A 42 -70.37 -9.49 10.01
N TRP A 43 -69.80 -9.33 11.22
CA TRP A 43 -70.12 -10.14 12.39
C TRP A 43 -71.31 -9.44 13.06
N HIS A 44 -72.51 -10.05 12.99
CA HIS A 44 -73.74 -9.48 13.53
C HIS A 44 -74.69 -10.57 14.08
N LYS A 45 -75.37 -10.28 15.21
CA LYS A 45 -76.31 -11.19 15.86
C LYS A 45 -77.46 -10.47 16.58
N ASN A 46 -78.72 -10.71 16.17
CA ASN A 46 -79.88 -10.20 16.90
C ASN A 46 -80.03 -11.25 18.03
N LEU A 47 -80.00 -10.84 19.30
CA LEU A 47 -80.05 -11.77 20.43
C LEU A 47 -81.21 -11.54 21.43
N THR A 48 -81.26 -12.37 22.50
CA THR A 48 -82.18 -12.31 23.65
C THR A 48 -81.33 -12.69 24.88
N GLY A 49 -80.59 -11.71 25.38
CA GLY A 49 -79.65 -11.81 26.49
C GLY A 49 -80.18 -12.31 27.82
N PRO A 50 -79.31 -12.57 28.84
CA PRO A 50 -77.84 -12.44 28.84
C PRO A 50 -77.13 -13.56 28.11
N GLN A 51 -76.05 -13.21 27.40
CA GLN A 51 -75.26 -14.16 26.60
C GLN A 51 -73.76 -14.09 26.97
N ILE A 52 -72.97 -15.12 26.54
CA ILE A 52 -71.51 -15.21 26.71
C ILE A 52 -70.88 -15.51 25.34
N ILE A 53 -70.34 -14.48 24.69
CA ILE A 53 -69.69 -14.63 23.40
C ILE A 53 -68.23 -15.05 23.67
N THR A 54 -67.82 -16.24 23.17
CA THR A 54 -66.46 -16.79 23.36
C THR A 54 -65.60 -16.55 22.12
N LEU A 55 -64.42 -15.96 22.36
CA LEU A 55 -63.41 -15.67 21.34
C LEU A 55 -62.09 -16.37 21.67
N GLN A 56 -61.24 -16.55 20.65
CA GLN A 56 -59.92 -17.16 20.79
C GLN A 56 -58.89 -16.08 21.07
N HIS A 57 -57.94 -16.37 21.98
CA HIS A 57 -56.87 -15.44 22.34
C HIS A 57 -56.16 -14.88 21.10
N THR A 58 -56.18 -15.63 19.98
CA THR A 58 -55.57 -15.29 18.70
C THR A 58 -56.38 -14.24 17.88
N ASP A 59 -57.69 -14.06 18.19
CA ASP A 59 -58.56 -13.08 17.51
C ASP A 59 -58.38 -11.64 18.05
N LEU A 60 -57.76 -11.51 19.24
CA LEU A 60 -57.54 -10.26 19.95
C LEU A 60 -56.60 -9.27 19.26
N VAL A 61 -57.14 -8.09 18.97
CA VAL A 61 -56.46 -6.92 18.37
C VAL A 61 -56.96 -5.66 19.09
N PRO A 62 -56.13 -4.60 19.29
CA PRO A 62 -56.62 -3.43 20.07
C PRO A 62 -57.86 -2.73 19.53
N CYS A 63 -58.12 -2.80 18.22
CA CYS A 63 -59.27 -2.14 17.60
C CYS A 63 -60.50 -3.06 17.51
N LEU A 64 -60.45 -4.26 18.13
CA LEU A 64 -61.61 -5.16 18.20
C LEU A 64 -62.60 -4.53 19.18
N CYS A 65 -63.71 -4.02 18.65
CA CYS A 65 -64.76 -3.32 19.39
C CYS A 65 -66.11 -4.00 19.24
N ILE A 66 -67.01 -3.74 20.20
CA ILE A 66 -68.38 -4.28 20.25
C ILE A 66 -69.38 -3.12 20.10
N GLN A 67 -70.43 -3.34 19.29
CA GLN A 67 -71.54 -2.41 19.07
C GLN A 67 -72.84 -3.11 19.51
N VAL A 68 -73.54 -2.52 20.49
CA VAL A 68 -74.83 -3.03 21.01
C VAL A 68 -75.92 -2.01 20.81
N TRP A 69 -77.14 -2.46 20.66
CA TRP A 69 -78.29 -1.58 20.53
C TRP A 69 -79.55 -2.35 20.87
N PRO A 70 -80.50 -1.74 21.61
CA PRO A 70 -81.76 -2.46 21.88
C PRO A 70 -82.55 -2.63 20.58
N LEU A 71 -83.27 -3.74 20.42
CA LEU A 71 -84.06 -3.94 19.21
C LEU A 71 -85.39 -3.16 19.27
N GLU A 72 -85.25 -1.83 19.11
CA GLU A 72 -86.29 -0.82 19.10
C GLU A 72 -86.02 0.02 17.85
N PRO A 73 -87.06 0.60 17.22
CA PRO A 73 -86.81 1.42 16.03
C PRO A 73 -85.96 2.64 16.35
N ASP A 74 -84.93 2.88 15.54
CA ASP A 74 -84.02 4.02 15.64
C ASP A 74 -83.20 4.10 16.92
N SER A 75 -83.07 2.97 17.65
CA SER A 75 -82.30 2.93 18.90
C SER A 75 -80.84 3.31 18.65
N VAL A 76 -80.25 4.04 19.61
CA VAL A 76 -78.84 4.46 19.52
C VAL A 76 -77.91 3.26 19.82
N ARG A 77 -76.80 3.22 19.09
CA ARG A 77 -75.79 2.17 19.19
C ARG A 77 -74.70 2.54 20.19
N THR A 78 -74.31 1.59 21.06
CA THR A 78 -73.31 1.77 22.10
C THR A 78 -72.05 1.03 21.67
N ASN A 79 -70.90 1.73 21.68
CA ASN A 79 -69.63 1.13 21.26
C ASN A 79 -68.62 1.09 22.40
N ILE A 80 -67.97 -0.06 22.56
CA ILE A 80 -66.98 -0.32 23.60
C ILE A 80 -65.77 -1.03 23.00
N CYS A 81 -64.56 -0.55 23.34
CA CYS A 81 -63.32 -1.16 22.87
C CYS A 81 -62.49 -1.60 24.08
N PRO A 82 -62.70 -2.87 24.51
CA PRO A 82 -62.02 -3.33 25.73
C PRO A 82 -60.62 -3.90 25.55
N PHE A 83 -60.09 -3.87 24.31
CA PHE A 83 -58.76 -4.46 24.05
C PHE A 83 -57.69 -3.42 23.70
N ARG A 84 -58.05 -2.13 23.82
CA ARG A 84 -57.21 -0.97 23.52
C ARG A 84 -55.83 -1.01 24.15
N GLU A 85 -55.75 -1.52 25.39
CA GLU A 85 -54.51 -1.58 26.13
C GLU A 85 -54.15 -3.01 26.60
N ASP A 86 -54.82 -4.04 26.05
CA ASP A 86 -54.54 -5.46 26.37
C ASP A 86 -53.17 -5.91 25.80
N PRO A 87 -52.30 -6.59 26.60
CA PRO A 87 -50.96 -6.97 26.08
C PRO A 87 -51.01 -7.99 24.95
N ARG A 88 -51.88 -9.01 25.09
CA ARG A 88 -52.06 -10.06 24.09
C ARG A 88 -52.49 -9.51 22.72
N ALA A 89 -53.45 -8.55 22.70
CA ALA A 89 -53.99 -7.89 21.49
C ALA A 89 -52.83 -7.27 20.65
N HIS A 90 -52.03 -6.39 21.27
CA HIS A 90 -50.87 -5.75 20.64
C HIS A 90 -49.86 -6.79 20.15
N GLN A 91 -49.71 -7.91 20.89
CA GLN A 91 -48.83 -9.02 20.57
C GLN A 91 -49.25 -9.62 19.21
N ASN A 92 -50.56 -9.94 19.07
CA ASN A 92 -51.18 -10.51 17.87
C ASN A 92 -51.19 -9.54 16.70
N LEU A 93 -51.43 -8.26 16.99
CA LEU A 93 -51.46 -7.17 16.00
C LEU A 93 -50.18 -7.12 15.15
N TRP A 94 -49.01 -7.17 15.80
CA TRP A 94 -47.70 -7.12 15.14
C TRP A 94 -47.38 -8.42 14.38
N GLN A 95 -47.79 -9.59 14.92
CA GLN A 95 -47.64 -10.87 14.23
C GLN A 95 -48.26 -10.78 12.83
N ALA A 96 -49.41 -10.08 12.72
CA ALA A 96 -50.17 -9.89 11.47
C ALA A 96 -49.76 -8.67 10.62
N ALA A 97 -48.86 -7.80 11.12
CA ALA A 97 -48.42 -6.64 10.36
C ALA A 97 -47.26 -6.93 9.37
N ARG A 98 -47.26 -6.22 8.23
CA ARG A 98 -46.29 -6.36 7.13
C ARG A 98 -45.91 -5.04 6.48
N LEU A 99 -44.61 -4.89 6.19
CA LEU A 99 -44.03 -3.74 5.49
C LEU A 99 -43.72 -4.20 4.07
N ARG A 100 -44.05 -3.33 3.09
CA ARG A 100 -43.90 -3.62 1.66
C ARG A 100 -43.25 -2.47 0.88
N LEU A 101 -42.65 -2.81 -0.27
CA LEU A 101 -42.00 -1.86 -1.15
C LEU A 101 -42.94 -1.55 -2.29
N LEU A 102 -43.16 -0.24 -2.55
CA LEU A 102 -43.95 0.28 -3.67
C LEU A 102 -42.94 0.72 -4.74
N THR A 103 -41.92 1.45 -4.29
CA THR A 103 -40.78 1.99 -5.01
C THR A 103 -39.68 1.95 -3.94
N LEU A 104 -38.41 2.04 -4.34
CA LEU A 104 -37.29 2.09 -3.39
C LEU A 104 -37.53 3.17 -2.32
N GLN A 105 -37.96 4.37 -2.76
CA GLN A 105 -38.24 5.53 -1.92
C GLN A 105 -39.72 5.59 -1.46
N SER A 106 -40.42 4.42 -1.44
CA SER A 106 -41.84 4.31 -1.04
C SER A 106 -42.20 2.97 -0.36
N TRP A 107 -42.50 3.01 0.97
CA TRP A 107 -42.85 1.82 1.76
C TRP A 107 -44.26 1.87 2.35
N LEU A 108 -44.91 0.70 2.49
CA LEU A 108 -46.28 0.67 3.01
C LEU A 108 -46.51 -0.33 4.14
N LEU A 109 -47.11 0.16 5.24
CA LEU A 109 -47.43 -0.68 6.40
C LEU A 109 -48.87 -1.20 6.36
N ASP A 110 -49.00 -2.52 6.49
CA ASP A 110 -50.26 -3.26 6.48
C ASP A 110 -50.41 -3.91 7.83
N ALA A 111 -51.43 -3.45 8.58
CA ALA A 111 -51.76 -3.98 9.90
C ALA A 111 -53.28 -4.01 10.11
N PRO A 112 -53.82 -4.97 10.93
CA PRO A 112 -55.28 -4.96 11.18
C PRO A 112 -55.78 -3.68 11.87
N CYS A 113 -55.01 -3.18 12.86
CA CYS A 113 -55.27 -1.94 13.62
C CYS A 113 -54.22 -0.90 13.28
N SER A 114 -54.53 0.36 13.50
CA SER A 114 -53.60 1.44 13.21
C SER A 114 -53.19 2.11 14.52
N LEU A 115 -51.96 1.81 14.94
CA LEU A 115 -51.33 2.32 16.16
C LEU A 115 -50.21 3.29 15.76
N PRO A 116 -49.74 4.20 16.66
CA PRO A 116 -48.61 5.07 16.30
C PRO A 116 -47.32 4.25 16.23
N ALA A 117 -46.59 4.41 15.14
CA ALA A 117 -45.35 3.66 14.92
C ALA A 117 -44.28 4.49 14.27
N GLU A 118 -43.02 4.12 14.51
CA GLU A 118 -41.85 4.79 13.98
C GLU A 118 -41.00 3.76 13.23
N ALA A 119 -40.44 4.19 12.09
CA ALA A 119 -39.61 3.35 11.24
C ALA A 119 -38.26 3.97 10.87
N ALA A 120 -37.25 3.11 10.68
CA ALA A 120 -35.91 3.49 10.29
C ALA A 120 -35.13 2.30 9.70
N LEU A 121 -34.11 2.62 8.88
CA LEU A 121 -33.21 1.63 8.27
C LEU A 121 -32.24 1.04 9.25
N CYS A 122 -31.99 -0.22 9.07
CA CYS A 122 -31.15 -1.08 9.88
C CYS A 122 -29.99 -1.69 9.03
N TRP A 123 -28.83 -2.06 9.66
CA TRP A 123 -27.71 -2.70 8.94
C TRP A 123 -27.31 -4.05 9.56
N ARG A 124 -27.55 -5.10 8.78
CA ARG A 124 -27.29 -6.49 9.14
C ARG A 124 -25.90 -6.91 8.66
N ALA A 125 -25.07 -7.45 9.58
CA ALA A 125 -23.73 -7.93 9.24
C ALA A 125 -23.77 -9.40 8.82
N PRO A 126 -22.84 -9.87 7.93
CA PRO A 126 -22.89 -11.27 7.48
C PRO A 126 -22.65 -12.34 8.55
N GLY A 127 -22.12 -11.94 9.72
CA GLY A 127 -21.80 -12.83 10.83
C GLY A 127 -22.89 -13.14 11.85
N GLY A 128 -24.15 -13.17 11.41
CA GLY A 128 -25.29 -13.50 12.26
C GLY A 128 -25.68 -12.50 13.33
N ASP A 129 -24.70 -11.72 13.85
CA ASP A 129 -24.85 -10.69 14.88
C ASP A 129 -26.04 -9.72 14.62
N PRO A 130 -26.75 -9.25 15.68
CA PRO A 130 -27.96 -8.41 15.50
C PRO A 130 -27.85 -7.23 14.53
N CYS A 131 -29.00 -6.92 13.92
CA CYS A 131 -29.16 -5.85 12.96
C CYS A 131 -29.13 -4.50 13.70
N GLN A 132 -28.04 -3.72 13.52
CA GLN A 132 -27.81 -2.42 14.15
C GLN A 132 -28.50 -1.27 13.38
N PRO A 133 -29.47 -0.54 14.02
CA PRO A 133 -30.14 0.58 13.31
C PRO A 133 -29.19 1.75 13.14
N LEU A 134 -29.50 2.61 12.18
CA LEU A 134 -28.63 3.70 11.80
C LEU A 134 -29.11 5.04 12.33
N VAL A 135 -29.50 5.05 13.61
CA VAL A 135 -29.94 6.24 14.33
C VAL A 135 -28.85 6.51 15.36
N PRO A 136 -27.93 7.48 15.10
CA PRO A 136 -27.85 8.41 13.97
C PRO A 136 -27.04 7.85 12.77
N PRO A 137 -26.91 8.52 11.59
CA PRO A 137 -27.37 9.88 11.19
C PRO A 137 -28.84 9.97 10.80
N LEU A 138 -29.51 8.81 10.72
CA LEU A 138 -30.92 8.73 10.36
C LEU A 138 -31.75 8.97 11.64
N SER A 139 -33.09 9.00 11.50
CA SER A 139 -34.00 9.20 12.62
C SER A 139 -35.20 8.27 12.49
N TRP A 140 -35.86 7.93 13.63
CA TRP A 140 -37.07 7.11 13.61
C TRP A 140 -38.20 8.00 13.12
N GLU A 141 -38.69 7.76 11.91
CA GLU A 141 -39.76 8.60 11.37
C GLU A 141 -41.10 7.91 11.54
N GLN A 142 -42.17 8.67 11.78
CA GLN A 142 -43.51 8.14 11.97
C GLN A 142 -44.00 7.37 10.73
N VAL A 143 -44.47 6.13 10.94
CA VAL A 143 -45.05 5.26 9.92
C VAL A 143 -46.55 5.01 10.23
N THR A 144 -47.43 5.41 9.33
CA THR A 144 -48.87 5.25 9.56
C THR A 144 -49.46 4.11 8.69
N VAL A 145 -50.24 3.19 9.32
CA VAL A 145 -50.90 2.03 8.71
C VAL A 145 -51.79 2.46 7.53
N ASP A 146 -51.56 1.81 6.35
CA ASP A 146 -52.23 2.02 5.06
C ASP A 146 -51.92 3.42 4.45
N LYS A 147 -50.74 4.01 4.84
CA LYS A 147 -50.20 5.29 4.35
C LYS A 147 -48.68 5.15 3.98
N VAL A 148 -48.30 5.77 2.83
CA VAL A 148 -46.96 5.70 2.20
C VAL A 148 -45.87 6.41 3.03
N LEU A 149 -44.76 5.68 3.27
CA LEU A 149 -43.55 6.11 3.96
C LEU A 149 -42.48 6.36 2.90
N GLU A 150 -42.18 7.65 2.64
CA GLU A 150 -41.20 8.07 1.61
C GLU A 150 -39.79 8.37 2.16
N PHE A 151 -38.86 7.39 2.06
CA PHE A 151 -37.48 7.55 2.52
C PHE A 151 -36.50 7.89 1.38
N PRO A 152 -35.56 8.89 1.53
CA PRO A 152 -34.64 9.20 0.43
C PRO A 152 -33.44 8.22 0.30
N LEU A 153 -33.80 6.94 0.09
CA LEU A 153 -32.86 5.85 -0.09
C LEU A 153 -32.39 5.93 -1.54
N LEU A 154 -31.09 6.22 -1.69
CA LEU A 154 -30.45 6.39 -2.99
C LEU A 154 -30.30 5.05 -3.73
N LYS A 155 -30.09 3.95 -2.97
CA LYS A 155 -29.90 2.59 -3.49
C LYS A 155 -30.26 1.52 -2.47
N GLY A 156 -30.87 0.45 -2.95
CA GLY A 156 -31.20 -0.70 -2.13
C GLY A 156 -29.97 -1.55 -1.85
N HIS A 157 -29.91 -2.15 -0.67
CA HIS A 157 -28.78 -3.00 -0.29
C HIS A 157 -29.28 -4.27 0.40
N PRO A 158 -28.75 -5.47 0.05
CA PRO A 158 -29.23 -6.68 0.74
C PRO A 158 -29.01 -6.65 2.26
N ASN A 159 -28.01 -5.88 2.73
CA ASN A 159 -27.70 -5.76 4.16
C ASN A 159 -28.64 -4.86 4.90
N LEU A 160 -29.38 -4.00 4.17
CA LEU A 160 -30.37 -3.09 4.73
C LEU A 160 -31.69 -3.79 4.99
N CYS A 161 -32.20 -3.62 6.21
CA CYS A 161 -33.52 -4.09 6.65
C CYS A 161 -34.33 -2.84 7.13
N VAL A 162 -35.69 -2.88 7.03
CA VAL A 162 -36.52 -1.77 7.54
C VAL A 162 -37.07 -2.20 8.88
N GLN A 163 -36.74 -1.45 9.94
CA GLN A 163 -37.21 -1.71 11.30
C GLN A 163 -38.46 -0.87 11.70
N VAL A 164 -39.43 -1.49 12.43
CA VAL A 164 -40.68 -0.82 12.90
C VAL A 164 -40.85 -0.97 14.40
N GLN A 165 -40.93 0.19 15.10
CA GLN A 165 -41.16 0.26 16.53
C GLN A 165 -42.45 1.01 16.88
N SER A 166 -43.07 0.64 18.02
CA SER A 166 -44.29 1.23 18.61
C SER A 166 -44.19 0.99 20.11
N SER A 167 -44.46 2.04 20.92
CA SER A 167 -44.35 2.04 22.39
C SER A 167 -42.86 1.80 22.70
N GLU A 168 -42.00 2.42 21.86
CA GLU A 168 -40.53 2.41 21.80
C GLU A 168 -39.91 0.96 21.88
N LYS A 169 -40.64 -0.04 21.32
CA LYS A 169 -40.29 -1.47 21.26
C LYS A 169 -40.29 -1.95 19.80
N LEU A 170 -39.30 -2.80 19.43
CA LEU A 170 -39.20 -3.34 18.05
C LEU A 170 -40.25 -4.40 17.78
N GLN A 171 -40.97 -4.23 16.65
CA GLN A 171 -42.06 -5.12 16.25
C GLN A 171 -41.88 -5.78 14.87
N LEU A 172 -41.22 -5.08 13.93
CA LEU A 172 -40.98 -5.53 12.55
C LEU A 172 -39.54 -5.32 12.11
N GLN A 173 -39.01 -6.27 11.32
CA GLN A 173 -37.65 -6.25 10.74
C GLN A 173 -37.69 -6.98 9.38
N GLU A 174 -38.16 -6.25 8.34
CA GLU A 174 -38.32 -6.71 6.96
C GLU A 174 -37.08 -6.37 6.15
N CYS A 175 -36.32 -7.41 5.78
CA CYS A 175 -35.12 -7.22 4.97
C CYS A 175 -35.54 -7.27 3.51
N LEU A 176 -36.08 -6.11 3.09
CA LEU A 176 -36.71 -5.82 1.80
C LEU A 176 -35.87 -6.13 0.56
N TRP A 177 -34.53 -6.21 0.67
CA TRP A 177 -33.69 -6.45 -0.51
C TRP A 177 -32.95 -7.79 -0.46
N ALA A 178 -33.48 -8.75 0.32
CA ALA A 178 -32.94 -10.09 0.51
C ALA A 178 -33.25 -11.08 -0.63
N ASP A 179 -34.46 -11.02 -1.20
CA ASP A 179 -34.82 -11.90 -2.28
C ASP A 179 -34.46 -11.26 -3.61
N SER A 180 -34.66 -9.92 -3.70
CA SER A 180 -34.37 -9.11 -4.87
C SER A 180 -32.88 -8.95 -5.15
N LEU A 181 -32.08 -8.54 -4.12
CA LEU A 181 -30.63 -8.31 -4.29
C LEU A 181 -29.70 -9.25 -3.46
N GLY A 182 -30.29 -10.07 -2.58
CA GLY A 182 -29.61 -10.98 -1.66
C GLY A 182 -28.67 -12.01 -2.26
N PRO A 183 -27.86 -12.70 -1.43
CA PRO A 183 -27.75 -12.62 0.04
C PRO A 183 -26.90 -11.45 0.55
N LEU A 184 -26.51 -11.49 1.85
CA LEU A 184 -25.70 -10.49 2.52
C LEU A 184 -24.28 -10.37 1.92
N LYS A 185 -23.89 -9.14 1.56
CA LYS A 185 -22.58 -8.80 1.01
C LYS A 185 -21.64 -8.42 2.16
N ASP A 186 -20.36 -8.77 2.04
CA ASP A 186 -19.38 -8.39 3.04
C ASP A 186 -18.86 -7.00 2.68
N ASP A 187 -19.71 -6.00 2.87
CA ASP A 187 -19.36 -4.61 2.61
C ASP A 187 -19.31 -3.87 3.94
N VAL A 188 -18.31 -3.02 4.10
CA VAL A 188 -18.18 -2.23 5.32
C VAL A 188 -19.05 -1.00 5.15
N LEU A 189 -19.84 -0.66 6.19
CA LEU A 189 -20.62 0.56 6.07
C LEU A 189 -19.85 1.72 6.69
N LEU A 190 -19.70 2.78 5.90
CA LEU A 190 -19.05 4.02 6.32
C LEU A 190 -20.14 5.10 6.55
N LEU A 191 -20.08 5.75 7.74
CA LEU A 191 -21.02 6.75 8.23
C LEU A 191 -20.34 8.10 8.44
N GLU A 192 -20.29 8.96 7.41
CA GLU A 192 -19.67 10.27 7.61
C GLU A 192 -20.66 11.29 8.18
N THR A 193 -20.48 11.65 9.49
CA THR A 193 -21.35 12.63 10.15
C THR A 193 -20.85 14.04 9.85
N ARG A 194 -21.63 14.77 9.05
CA ARG A 194 -21.35 16.16 8.64
C ARG A 194 -21.88 17.14 9.68
N GLY A 195 -21.23 18.29 9.80
CA GLY A 195 -21.62 19.34 10.74
C GLY A 195 -21.06 20.72 10.43
N PRO A 196 -20.99 21.62 11.45
CA PRO A 196 -20.43 22.97 11.19
C PRO A 196 -18.90 22.98 11.09
N GLN A 197 -18.35 24.00 10.38
CA GLN A 197 -16.92 24.25 10.09
C GLN A 197 -16.29 23.13 9.21
N ASP A 198 -16.94 22.85 8.05
CA ASP A 198 -16.59 21.84 7.02
C ASP A 198 -16.37 20.44 7.62
N GLN A 199 -17.15 20.11 8.67
CA GLN A 199 -17.10 18.85 9.41
C GLN A 199 -17.66 17.67 8.65
N ARG A 200 -16.93 16.54 8.74
CA ARG A 200 -17.26 15.22 8.21
C ARG A 200 -16.37 14.18 8.90
N SER A 201 -16.96 13.41 9.85
CA SER A 201 -16.23 12.39 10.61
C SER A 201 -16.57 11.00 10.11
N LEU A 202 -15.60 10.38 9.38
CA LEU A 202 -15.75 9.03 8.85
C LEU A 202 -15.63 7.99 9.94
N CYS A 203 -16.59 7.09 9.95
CA CYS A 203 -16.77 6.06 10.95
C CYS A 203 -17.12 4.76 10.21
N ALA A 204 -16.73 3.61 10.76
CA ALA A 204 -17.04 2.34 10.14
C ALA A 204 -17.88 1.49 11.08
N LEU A 205 -19.12 1.16 10.66
CA LEU A 205 -20.01 0.31 11.46
C LEU A 205 -19.53 -1.14 11.48
N GLU A 206 -18.85 -1.48 12.58
CA GLU A 206 -18.27 -2.80 12.84
C GLU A 206 -19.20 -3.58 13.80
N PRO A 207 -19.08 -4.93 13.92
CA PRO A 207 -19.94 -5.67 14.88
C PRO A 207 -19.86 -5.11 16.31
N SER A 208 -18.64 -4.67 16.71
CA SER A 208 -18.29 -4.06 17.99
C SER A 208 -18.27 -2.51 17.88
N GLY A 209 -19.44 -1.95 17.61
CA GLY A 209 -19.65 -0.51 17.49
C GLY A 209 -19.02 0.16 16.29
N CYS A 210 -19.10 1.50 16.25
CA CYS A 210 -18.57 2.37 15.20
C CYS A 210 -17.15 2.85 15.55
N THR A 211 -16.19 2.68 14.61
CA THR A 211 -14.77 3.04 14.75
C THR A 211 -14.41 4.18 13.78
N SER A 212 -13.89 5.31 14.29
CA SER A 212 -13.54 6.47 13.47
C SER A 212 -12.26 6.18 12.69
N LEU A 213 -12.18 6.67 11.43
CA LEU A 213 -11.02 6.38 10.56
C LEU A 213 -10.18 7.63 10.19
N PRO A 214 -8.82 7.52 10.18
CA PRO A 214 -8.00 6.32 10.48
C PRO A 214 -7.84 6.02 11.96
N SER A 215 -7.81 4.71 12.34
CA SER A 215 -7.68 4.22 13.73
C SER A 215 -6.50 3.29 13.90
N LYS A 216 -5.97 3.24 15.16
CA LYS A 216 -4.78 2.43 15.52
C LYS A 216 -5.10 0.98 15.99
N ALA A 217 -6.41 0.59 16.03
CA ALA A 217 -6.90 -0.73 16.46
C ALA A 217 -6.34 -1.95 15.64
N SER A 218 -6.70 -3.19 16.08
CA SER A 218 -6.35 -4.45 15.42
C SER A 218 -7.64 -5.00 14.69
N THR A 219 -8.72 -4.18 14.72
CA THR A 219 -10.03 -4.42 14.10
C THR A 219 -9.96 -4.21 12.59
N ARG A 220 -10.45 -5.20 11.84
CA ARG A 220 -10.50 -5.31 10.38
C ARG A 220 -10.54 -3.96 9.64
N ALA A 221 -11.54 -3.13 9.92
CA ALA A 221 -11.70 -1.85 9.23
C ALA A 221 -10.68 -0.76 9.61
N ALA A 222 -10.16 -0.76 10.86
CA ALA A 222 -9.17 0.23 11.31
C ALA A 222 -7.83 -0.03 10.62
N ARG A 223 -7.45 -1.32 10.55
CA ARG A 223 -6.27 -1.88 9.90
C ARG A 223 -6.25 -1.49 8.39
N LEU A 224 -7.44 -1.52 7.75
CA LEU A 224 -7.64 -1.19 6.34
C LEU A 224 -8.08 0.25 6.11
N GLY A 225 -8.10 1.04 7.18
CA GLY A 225 -8.50 2.44 7.22
C GLY A 225 -8.15 3.28 6.01
N GLU A 226 -6.85 3.35 5.70
CA GLU A 226 -6.25 4.11 4.60
C GLU A 226 -6.76 3.62 3.25
N TYR A 227 -7.02 2.30 3.11
CA TYR A 227 -7.57 1.67 1.91
C TYR A 227 -9.04 1.98 1.72
N LEU A 228 -9.84 1.86 2.80
CA LEU A 228 -11.27 2.19 2.77
C LEU A 228 -11.47 3.67 2.47
N LEU A 229 -10.63 4.55 3.03
CA LEU A 229 -10.70 5.98 2.76
C LEU A 229 -10.39 6.31 1.32
N GLN A 230 -9.59 5.46 0.68
CA GLN A 230 -9.22 5.58 -0.72
C GLN A 230 -10.33 5.10 -1.60
N ASP A 231 -10.95 3.93 -1.29
CA ASP A 231 -12.07 3.34 -2.06
C ASP A 231 -13.16 4.38 -2.20
N LEU A 232 -13.53 5.00 -1.06
CA LEU A 232 -14.52 6.04 -0.96
C LEU A 232 -14.19 7.20 -1.86
N GLN A 233 -13.00 7.81 -1.69
CA GLN A 233 -12.53 8.93 -2.51
C GLN A 233 -12.43 8.60 -4.00
N SER A 234 -12.12 7.33 -4.33
CA SER A 234 -12.01 6.79 -5.69
C SER A 234 -13.39 6.48 -6.28
N GLY A 235 -14.43 6.60 -5.45
CA GLY A 235 -15.81 6.35 -5.84
C GLY A 235 -16.18 4.88 -5.98
N GLN A 236 -15.37 3.97 -5.39
CA GLN A 236 -15.64 2.53 -5.43
C GLN A 236 -16.72 2.15 -4.42
N CYS A 237 -17.06 3.08 -3.52
CA CYS A 237 -18.08 2.87 -2.51
C CYS A 237 -19.43 3.35 -2.98
N LEU A 238 -20.46 2.54 -2.69
CA LEU A 238 -21.86 2.80 -3.06
C LEU A 238 -22.57 3.79 -2.09
N GLN A 239 -23.04 4.96 -2.60
CA GLN A 239 -23.77 5.92 -1.74
C GLN A 239 -25.21 5.48 -1.55
N LEU A 240 -25.58 5.20 -0.31
CA LEU A 240 -26.90 4.71 0.05
C LEU A 240 -27.83 5.84 0.51
N TRP A 241 -27.25 6.91 1.07
CA TRP A 241 -28.02 8.02 1.61
C TRP A 241 -27.20 9.31 1.62
N ASP A 242 -27.80 10.42 1.17
CA ASP A 242 -27.18 11.75 1.17
C ASP A 242 -28.09 12.74 1.92
N ASP A 243 -27.49 13.68 2.65
CA ASP A 243 -28.17 14.67 3.50
C ASP A 243 -27.30 15.91 3.71
N ASP A 244 -27.88 16.99 4.27
CA ASP A 244 -27.18 18.23 4.61
C ASP A 244 -26.16 17.95 5.74
N LEU A 245 -26.52 17.06 6.70
CA LEU A 245 -25.67 16.69 7.84
C LEU A 245 -25.42 15.15 7.96
N GLY A 246 -25.02 14.54 6.84
CA GLY A 246 -24.70 13.12 6.79
C GLY A 246 -24.73 12.44 5.43
N ALA A 247 -24.06 11.25 5.38
CA ALA A 247 -23.96 10.36 4.22
C ALA A 247 -23.64 8.91 4.65
N LEU A 248 -24.26 7.93 3.97
CA LEU A 248 -24.04 6.50 4.20
C LEU A 248 -23.40 5.93 2.94
N TRP A 249 -22.40 5.03 3.14
CA TRP A 249 -21.61 4.41 2.08
C TRP A 249 -21.38 2.94 2.30
N ALA A 250 -21.63 2.11 1.27
CA ALA A 250 -21.39 0.67 1.35
C ALA A 250 -20.18 0.29 0.48
N CYS A 251 -19.05 -0.06 1.17
CA CYS A 251 -17.72 -0.40 0.62
C CYS A 251 -17.47 -1.91 0.53
N PRO A 252 -17.40 -2.50 -0.69
CA PRO A 252 -17.16 -3.95 -0.80
C PRO A 252 -15.73 -4.35 -0.42
N MET A 253 -15.62 -5.50 0.25
CA MET A 253 -14.37 -5.99 0.80
C MET A 253 -13.76 -7.18 0.06
N ASP A 254 -14.42 -7.64 -1.03
CA ASP A 254 -13.93 -8.73 -1.84
C ASP A 254 -12.49 -8.47 -2.39
N LYS A 255 -12.11 -7.19 -2.66
CA LYS A 255 -10.73 -6.88 -3.11
C LYS A 255 -9.65 -7.25 -2.09
N TYR A 256 -10.01 -7.32 -0.81
CA TYR A 256 -9.04 -7.68 0.24
C TYR A 256 -9.09 -9.14 0.63
N ILE A 257 -9.87 -9.95 -0.10
CA ILE A 257 -10.07 -11.36 0.18
C ILE A 257 -8.82 -12.24 0.03
N HIS A 258 -7.81 -11.79 -0.76
CA HIS A 258 -6.58 -12.57 -1.00
C HIS A 258 -5.42 -12.13 -0.12
N LYS A 259 -5.63 -11.00 0.61
CA LYS A 259 -4.63 -10.45 1.53
C LYS A 259 -4.47 -11.37 2.74
N ARG A 260 -3.25 -11.80 2.99
CA ARG A 260 -2.90 -12.69 4.10
C ARG A 260 -1.77 -12.07 4.92
N GLU A 261 -1.73 -12.44 6.21
CA GLU A 261 -0.70 -12.00 7.14
C GLU A 261 0.40 -13.06 7.18
N PHE A 262 1.62 -12.61 7.52
CA PHE A 262 2.76 -13.49 7.68
C PHE A 262 2.58 -14.20 9.02
N ARG A 263 3.18 -15.39 9.17
CA ARG A 263 3.03 -16.17 10.40
C ARG A 263 4.12 -15.87 11.44
N HIS A 264 3.66 -15.70 12.69
CA HIS A 264 4.46 -15.39 13.85
C HIS A 264 4.11 -16.23 15.08
N PCA B 1 29.24 -17.62 15.97
CA PCA B 1 28.40 -16.63 15.33
CB PCA B 1 29.31 -15.63 14.55
CG PCA B 1 30.70 -16.23 14.68
CD PCA B 1 30.55 -17.37 15.72
OE PCA B 1 31.49 -17.96 16.25
C PCA B 1 27.52 -17.23 14.27
O PCA B 1 27.88 -18.25 13.66
N VAL B 2 26.38 -16.58 13.99
CA VAL B 2 25.50 -17.04 12.93
C VAL B 2 26.18 -16.61 11.63
N THR B 3 26.34 -17.54 10.68
CA THR B 3 26.93 -17.25 9.36
C THR B 3 26.09 -17.91 8.30
N LEU B 4 25.84 -17.19 7.20
CA LEU B 4 25.09 -17.69 6.07
C LEU B 4 25.87 -17.36 4.81
N LYS B 5 25.91 -18.27 3.86
CA LYS B 5 26.65 -18.05 2.62
C LYS B 5 25.86 -18.54 1.44
N GLU B 6 25.53 -17.61 0.52
CA GLU B 6 24.77 -17.86 -0.68
C GLU B 6 25.67 -18.26 -1.81
N SER B 7 25.19 -19.18 -2.64
CA SER B 7 25.95 -19.61 -3.83
C SER B 7 24.98 -19.85 -4.95
N GLY B 8 25.44 -19.78 -6.18
CA GLY B 8 24.66 -20.03 -7.40
C GLY B 8 25.40 -19.55 -8.63
N PRO B 9 24.99 -19.86 -9.89
CA PRO B 9 25.73 -19.34 -11.07
C PRO B 9 25.65 -17.80 -11.16
N GLY B 10 26.75 -17.18 -11.55
CA GLY B 10 26.83 -15.74 -11.66
C GLY B 10 26.09 -15.17 -12.83
N ILE B 11 26.02 -15.90 -13.97
CA ILE B 11 25.32 -15.48 -15.20
C ILE B 11 24.41 -16.60 -15.69
N LEU B 12 23.17 -16.23 -16.13
CA LEU B 12 22.19 -17.13 -16.76
C LEU B 12 21.58 -16.42 -17.96
N GLN B 13 21.05 -17.20 -18.88
CA GLN B 13 20.30 -16.64 -20.01
C GLN B 13 18.81 -16.66 -19.70
N PRO B 14 18.02 -15.71 -20.26
CA PRO B 14 16.57 -15.74 -20.07
C PRO B 14 15.97 -17.09 -20.42
N SER B 15 14.99 -17.52 -19.61
CA SER B 15 14.18 -18.76 -19.63
C SER B 15 14.83 -19.89 -18.83
N GLN B 16 16.10 -19.76 -18.46
CA GLN B 16 16.81 -20.77 -17.64
C GLN B 16 16.33 -20.78 -16.17
N THR B 17 16.70 -21.85 -15.43
CA THR B 17 16.33 -22.01 -14.03
C THR B 17 17.53 -21.58 -13.16
N LEU B 18 17.28 -20.70 -12.19
CA LEU B 18 18.27 -20.26 -11.24
C LEU B 18 18.15 -21.16 -10.01
N SER B 19 19.23 -21.83 -9.63
CA SER B 19 19.24 -22.66 -8.43
C SER B 19 20.20 -22.05 -7.44
N LEU B 20 19.65 -21.52 -6.31
CA LEU B 20 20.43 -20.89 -5.24
C LEU B 20 20.53 -21.75 -4.03
N THR B 21 21.67 -21.72 -3.36
CA THR B 21 21.92 -22.46 -2.13
C THR B 21 22.38 -21.50 -1.05
N CYS B 22 21.84 -21.69 0.15
CA CYS B 22 22.19 -20.95 1.35
C CYS B 22 22.78 -22.00 2.29
N SER B 23 24.07 -21.91 2.58
CA SER B 23 24.76 -22.82 3.50
C SER B 23 25.00 -22.03 4.77
N PHE B 24 24.52 -22.54 5.88
CA PHE B 24 24.65 -21.80 7.13
C PHE B 24 25.28 -22.58 8.29
N SER B 25 25.64 -21.84 9.34
CA SER B 25 26.18 -22.37 10.58
C SER B 25 25.77 -21.44 11.72
N GLY B 26 25.86 -21.92 12.96
CA GLY B 26 25.51 -21.15 14.15
C GLY B 26 24.06 -21.29 14.56
N PHE B 27 23.26 -22.01 13.77
CA PHE B 27 21.85 -22.29 14.06
C PHE B 27 21.42 -23.56 13.33
N SER B 28 20.25 -24.10 13.70
CA SER B 28 19.70 -25.30 13.09
C SER B 28 18.28 -25.09 12.66
N LEU B 29 17.90 -25.64 11.49
CA LEU B 29 16.52 -25.56 11.04
C LEU B 29 15.64 -26.64 11.67
N SER B 30 16.20 -27.36 12.65
CA SER B 30 15.46 -28.35 13.43
C SER B 30 14.93 -27.63 14.67
N THR B 31 15.48 -26.43 14.98
CA THR B 31 15.06 -25.60 16.12
C THR B 31 13.67 -25.03 15.94
N SER B 32 12.79 -25.27 16.92
CA SER B 32 11.41 -24.75 16.90
C SER B 32 11.47 -23.24 16.79
N GLY B 33 10.67 -22.69 15.88
CA GLY B 33 10.60 -21.26 15.62
C GLY B 33 11.54 -20.75 14.54
N MET B 34 12.57 -21.55 14.20
CA MET B 34 13.58 -21.15 13.22
C MET B 34 13.01 -21.05 11.81
N GLY B 35 13.52 -20.09 11.05
CA GLY B 35 13.14 -19.89 9.67
C GLY B 35 14.26 -19.26 8.88
N VAL B 36 14.14 -19.28 7.55
CA VAL B 36 15.10 -18.67 6.63
C VAL B 36 14.32 -18.05 5.50
N SER B 37 14.65 -16.80 5.14
CA SER B 37 14.03 -16.09 4.01
C SER B 37 15.07 -15.81 2.92
N TRP B 38 14.59 -15.64 1.69
CA TRP B 38 15.40 -15.21 0.56
C TRP B 38 14.88 -13.84 0.18
N ILE B 39 15.79 -12.92 -0.09
CA ILE B 39 15.52 -11.52 -0.45
C ILE B 39 16.50 -11.16 -1.58
N ARG B 40 16.12 -10.30 -2.51
CA ARG B 40 17.02 -9.86 -3.55
C ARG B 40 17.09 -8.35 -3.64
N GLN B 41 18.17 -7.85 -4.21
CA GLN B 41 18.41 -6.44 -4.36
C GLN B 41 19.08 -6.15 -5.71
N PRO B 42 18.33 -5.60 -6.68
CA PRO B 42 18.95 -5.13 -7.93
C PRO B 42 19.89 -3.97 -7.60
N SER B 43 21.01 -3.81 -8.35
CA SER B 43 22.02 -2.79 -8.00
C SER B 43 21.44 -1.40 -7.90
N GLY B 44 21.68 -0.77 -6.73
CA GLY B 44 21.22 0.55 -6.37
C GLY B 44 19.73 0.68 -6.14
N LYS B 45 19.03 -0.46 -6.04
CA LYS B 45 17.58 -0.43 -5.82
C LYS B 45 17.21 -1.02 -4.45
N GLY B 46 15.92 -1.00 -4.16
CA GLY B 46 15.33 -1.53 -2.94
C GLY B 46 15.28 -3.04 -2.95
N LEU B 47 15.09 -3.56 -1.79
CA LEU B 47 15.04 -4.97 -1.53
C LEU B 47 13.69 -5.51 -1.86
N GLU B 48 13.63 -6.78 -2.29
CA GLU B 48 12.41 -7.50 -2.63
C GLU B 48 12.47 -8.88 -1.99
N TRP B 49 11.53 -9.14 -1.07
CA TRP B 49 11.42 -10.44 -0.41
C TRP B 49 10.88 -11.46 -1.40
N LEU B 50 11.44 -12.66 -1.37
CA LEU B 50 11.05 -13.72 -2.30
C LEU B 50 10.24 -14.86 -1.68
N ALA B 51 10.82 -15.50 -0.67
CA ALA B 51 10.23 -16.68 -0.07
C ALA B 51 10.73 -16.90 1.34
N HIS B 52 10.01 -17.70 2.12
CA HIS B 52 10.37 -18.00 3.50
C HIS B 52 10.02 -19.45 3.79
N ILE B 53 10.81 -20.07 4.62
CA ILE B 53 10.58 -21.43 5.07
C ILE B 53 10.82 -21.51 6.56
N TYR B 54 9.88 -22.13 7.28
CA TYR B 54 10.04 -22.38 8.71
C TYR B 54 10.52 -23.83 8.96
N TRP B 55 11.01 -24.10 10.19
CA TRP B 55 11.48 -25.40 10.65
C TRP B 55 10.45 -26.53 10.41
N ASP B 56 9.15 -26.19 10.38
CA ASP B 56 8.08 -27.15 10.21
C ASP B 56 7.65 -27.32 8.74
N ASN B 57 8.43 -26.72 7.83
CA ASN B 57 8.25 -26.74 6.38
C ASN B 57 7.03 -25.92 5.91
N ASP B 58 6.57 -24.99 6.74
CA ASP B 58 5.53 -24.08 6.30
C ASP B 58 6.28 -23.06 5.42
N ARG B 59 5.77 -22.82 4.22
CA ARG B 59 6.43 -22.01 3.22
C ARG B 59 5.56 -20.84 2.79
N TYR B 60 6.20 -19.69 2.50
CA TYR B 60 5.53 -18.45 2.09
C TYR B 60 6.25 -17.91 0.90
N TYR B 61 5.49 -17.36 -0.04
CA TYR B 61 6.07 -16.83 -1.27
C TYR B 61 5.54 -15.47 -1.60
N ASN B 62 6.34 -14.69 -2.33
CA ASN B 62 5.91 -13.41 -2.87
C ASN B 62 4.83 -13.75 -3.91
N PRO B 63 3.57 -13.30 -3.68
CA PRO B 63 2.47 -13.68 -4.59
C PRO B 63 2.71 -13.39 -6.06
N SER B 64 3.48 -12.34 -6.39
CA SER B 64 3.71 -11.94 -7.77
C SER B 64 4.66 -12.86 -8.50
N LEU B 65 5.47 -13.64 -7.76
CA LEU B 65 6.48 -14.55 -8.31
C LEU B 65 6.20 -16.00 -7.94
N LYS B 66 5.16 -16.23 -7.13
CA LYS B 66 4.75 -17.51 -6.57
C LYS B 66 4.93 -18.72 -7.51
N SER B 67 4.36 -18.70 -8.72
CA SER B 67 4.50 -19.87 -9.60
C SER B 67 5.93 -20.18 -10.05
N ARG B 68 6.86 -19.23 -9.94
CA ARG B 68 8.24 -19.43 -10.38
C ARG B 68 9.20 -19.78 -9.26
N LEU B 69 8.75 -19.69 -8.01
CA LEU B 69 9.61 -19.94 -6.87
C LEU B 69 9.36 -21.26 -6.17
N THR B 70 10.43 -21.87 -5.67
CA THR B 70 10.32 -23.06 -4.83
C THR B 70 11.41 -22.95 -3.80
N ILE B 71 11.00 -22.91 -2.53
CA ILE B 71 11.95 -22.85 -1.42
C ILE B 71 11.92 -24.22 -0.77
N SER B 72 13.08 -24.72 -0.33
CA SER B 72 13.16 -26.01 0.30
C SER B 72 14.37 -26.02 1.20
N LYS B 73 14.52 -27.07 1.99
CA LYS B 73 15.66 -27.16 2.91
C LYS B 73 16.15 -28.56 3.11
N ASP B 74 17.37 -28.65 3.64
CA ASP B 74 17.98 -29.90 4.01
C ASP B 74 18.54 -29.65 5.40
N THR B 75 17.75 -29.96 6.42
CA THR B 75 18.19 -29.75 7.81
C THR B 75 19.52 -30.46 8.19
N PHE B 76 19.72 -31.70 7.75
CA PHE B 76 20.93 -32.47 8.00
C PHE B 76 22.18 -31.86 7.36
N SER B 77 22.03 -31.13 6.27
CA SER B 77 23.17 -30.55 5.59
C SER B 77 23.32 -29.07 5.91
N ASN B 78 22.42 -28.50 6.72
CA ASN B 78 22.40 -27.06 7.07
C ASN B 78 22.37 -26.20 5.82
N GLN B 79 21.37 -26.48 4.96
CA GLN B 79 21.18 -25.77 3.69
C GLN B 79 19.74 -25.45 3.42
N VAL B 80 19.50 -24.30 2.78
CA VAL B 80 18.20 -23.86 2.26
C VAL B 80 18.40 -23.59 0.77
N PHE B 81 17.40 -23.87 -0.03
CA PHE B 81 17.48 -23.70 -1.47
C PHE B 81 16.39 -22.84 -1.99
N LEU B 82 16.66 -22.20 -3.13
CA LEU B 82 15.64 -21.45 -3.85
C LEU B 82 15.83 -21.75 -5.31
N LYS B 83 14.78 -22.21 -5.96
CA LYS B 83 14.71 -22.44 -7.38
C LYS B 83 13.79 -21.35 -7.99
N ILE B 84 14.28 -20.65 -9.02
CA ILE B 84 13.52 -19.63 -9.75
C ILE B 84 13.50 -20.07 -11.21
N THR B 85 12.33 -20.44 -11.69
CA THR B 85 12.19 -20.90 -13.05
C THR B 85 11.95 -19.75 -14.00
N ASN B 86 12.23 -20.00 -15.29
CA ASN B 86 11.98 -19.07 -16.38
C ASN B 86 12.52 -17.68 -16.05
N VAL B 87 13.82 -17.56 -15.75
CA VAL B 87 14.37 -16.25 -15.41
C VAL B 87 14.32 -15.24 -16.57
N ASP B 88 14.39 -13.95 -16.26
CA ASP B 88 14.44 -12.86 -17.22
C ASP B 88 15.31 -11.75 -16.62
N THR B 89 15.60 -10.69 -17.38
CA THR B 89 16.50 -9.62 -17.00
C THR B 89 16.17 -9.04 -15.63
N ALA B 90 14.90 -8.95 -15.27
CA ALA B 90 14.47 -8.38 -13.99
C ALA B 90 14.95 -9.20 -12.78
N ASP B 91 15.40 -10.46 -13.02
CA ASP B 91 15.95 -11.36 -12.01
C ASP B 91 17.43 -11.11 -11.70
N THR B 92 18.01 -10.14 -12.43
CA THR B 92 19.38 -9.70 -12.20
C THR B 92 19.35 -8.95 -10.85
N ALA B 93 20.10 -9.45 -9.89
CA ALA B 93 20.14 -8.89 -8.56
C ALA B 93 21.18 -9.61 -7.74
N THR B 94 21.43 -9.07 -6.53
CA THR B 94 22.20 -9.73 -5.50
C THR B 94 21.13 -10.47 -4.70
N TYR B 95 21.33 -11.78 -4.48
CA TYR B 95 20.40 -12.63 -3.72
C TYR B 95 20.96 -12.90 -2.34
N TYR B 96 20.15 -12.66 -1.30
CA TYR B 96 20.54 -12.88 0.09
C TYR B 96 19.66 -13.92 0.76
N CYS B 97 20.22 -14.71 1.65
CA CYS B 97 19.40 -15.52 2.53
C CYS B 97 19.61 -14.91 3.93
N ALA B 98 18.57 -14.97 4.75
CA ALA B 98 18.63 -14.38 6.06
C ALA B 98 17.95 -15.23 7.09
N ARG B 99 18.65 -15.47 8.22
CA ARG B 99 18.08 -16.20 9.34
C ARG B 99 16.87 -15.37 9.78
N SER B 100 15.71 -16.05 9.89
CA SER B 100 14.45 -15.40 10.16
C SER B 100 13.60 -16.21 11.12
N PRO B 101 13.99 -16.30 12.41
CA PRO B 101 13.12 -16.99 13.38
C PRO B 101 11.83 -16.19 13.62
N MET B 102 10.83 -16.83 14.21
CA MET B 102 9.52 -16.24 14.47
C MET B 102 9.50 -14.84 15.15
N ASN B 103 10.42 -14.54 16.08
CA ASN B 103 10.35 -13.23 16.72
C ASN B 103 11.16 -12.12 16.04
N THR B 104 12.18 -12.49 15.29
CA THR B 104 13.06 -11.51 14.67
C THR B 104 13.34 -11.88 13.23
N TRP B 105 12.43 -11.56 12.34
CA TRP B 105 12.60 -11.81 10.93
C TRP B 105 13.89 -11.14 10.42
N GLY B 106 14.60 -11.85 9.55
CA GLY B 106 15.81 -11.33 8.90
C GLY B 106 16.79 -10.70 9.86
N ASP B 107 17.17 -11.46 10.92
CA ASP B 107 18.06 -10.93 11.91
C ASP B 107 19.56 -11.10 11.58
N TYR B 108 19.90 -12.05 10.67
CA TYR B 108 21.28 -12.22 10.22
C TYR B 108 21.24 -12.51 8.76
N TRP B 109 21.95 -11.72 7.95
CA TRP B 109 21.97 -11.88 6.51
C TRP B 109 23.30 -12.39 6.04
N GLY B 110 23.28 -13.18 4.96
CA GLY B 110 24.54 -13.60 4.32
C GLY B 110 25.14 -12.43 3.56
N GLN B 111 26.32 -12.60 2.93
CA GLN B 111 26.88 -11.46 2.19
C GLN B 111 26.30 -11.31 0.78
N GLY B 112 25.47 -12.26 0.38
CA GLY B 112 24.82 -12.23 -0.93
C GLY B 112 25.62 -12.85 -2.04
N THR B 113 24.93 -13.24 -3.11
CA THR B 113 25.55 -13.78 -4.33
C THR B 113 24.97 -12.98 -5.52
N SER B 114 25.82 -12.47 -6.41
CA SER B 114 25.40 -11.70 -7.57
C SER B 114 24.97 -12.61 -8.69
N VAL B 115 23.81 -12.34 -9.27
CA VAL B 115 23.24 -13.07 -10.41
C VAL B 115 22.87 -12.05 -11.51
N THR B 116 23.36 -12.30 -12.74
CA THR B 116 23.05 -11.49 -13.93
C THR B 116 22.32 -12.35 -14.94
N VAL B 117 21.10 -11.95 -15.33
CA VAL B 117 20.31 -12.67 -16.34
C VAL B 117 20.35 -11.82 -17.59
N SER B 118 20.91 -12.31 -18.68
CA SER B 118 21.01 -11.52 -19.91
C SER B 118 21.21 -12.46 -21.08
N SER B 119 20.77 -12.02 -22.26
CA SER B 119 20.94 -12.74 -23.52
C SER B 119 22.21 -12.25 -24.23
N ALA B 120 22.92 -11.30 -23.64
CA ALA B 120 24.12 -10.73 -24.25
C ALA B 120 25.22 -11.75 -24.34
N LYS B 121 26.05 -11.66 -25.38
CA LYS B 121 27.18 -12.56 -25.47
C LYS B 121 28.39 -11.84 -24.95
N THR B 122 29.45 -12.63 -24.49
CA THR B 122 30.71 -12.06 -24.05
C THR B 122 31.22 -11.13 -25.16
N THR B 123 31.39 -9.88 -24.80
CA THR B 123 31.83 -8.82 -25.69
C THR B 123 32.94 -8.05 -24.97
N ALA B 124 34.11 -7.97 -25.63
CA ALA B 124 35.26 -7.21 -25.14
C ALA B 124 34.95 -5.72 -25.26
N PRO B 125 35.45 -4.86 -24.35
CA PRO B 125 35.14 -3.42 -24.51
C PRO B 125 35.96 -2.74 -25.59
N SER B 126 35.44 -1.61 -26.05
CA SER B 126 36.15 -0.71 -26.91
C SER B 126 36.70 0.33 -25.89
N VAL B 127 38.00 0.61 -25.94
CA VAL B 127 38.63 1.53 -24.97
C VAL B 127 39.09 2.77 -25.72
N TYR B 128 38.51 3.92 -25.39
CA TYR B 128 38.80 5.16 -26.10
C TYR B 128 39.47 6.21 -25.21
N PRO B 129 40.54 6.86 -25.72
CA PRO B 129 41.18 7.90 -24.92
C PRO B 129 40.37 9.18 -24.96
N LEU B 130 40.30 9.87 -23.82
CA LEU B 130 39.62 11.16 -23.74
C LEU B 130 40.65 12.24 -23.44
N ALA B 131 41.14 12.91 -24.49
CA ALA B 131 42.13 13.96 -24.38
C ALA B 131 41.34 15.27 -24.46
N PRO B 132 41.84 16.37 -23.84
CA PRO B 132 41.12 17.66 -23.98
C PRO B 132 41.03 18.09 -25.46
N VAL B 133 40.13 19.01 -25.78
CA VAL B 133 40.02 19.49 -27.18
C VAL B 133 41.38 20.12 -27.65
N CYS B 134 41.79 19.89 -28.92
CA CYS B 134 43.06 20.43 -29.45
C CYS B 134 43.29 21.88 -29.07
N GLY B 135 44.44 22.14 -28.44
CA GLY B 135 44.84 23.45 -27.97
C GLY B 135 45.54 23.34 -26.63
N ASP B 136 46.66 24.06 -26.47
CA ASP B 136 47.48 24.07 -25.27
C ASP B 136 46.73 24.52 -24.02
N THR B 137 46.83 23.69 -22.97
CA THR B 137 46.23 23.89 -21.66
C THR B 137 46.80 25.14 -21.03
N THR B 138 45.91 25.98 -20.51
CA THR B 138 46.29 27.22 -19.85
C THR B 138 46.18 27.12 -18.32
N GLY B 139 45.32 26.22 -17.83
CA GLY B 139 45.08 25.98 -16.41
C GLY B 139 46.23 25.31 -15.69
N SER B 140 46.19 25.29 -14.34
CA SER B 140 47.25 24.66 -13.54
C SER B 140 47.16 23.13 -13.60
N SER B 141 45.93 22.62 -13.84
CA SER B 141 45.63 21.21 -13.93
C SER B 141 44.97 20.86 -15.24
N VAL B 142 45.05 19.58 -15.58
CA VAL B 142 44.46 19.03 -16.78
C VAL B 142 43.72 17.73 -16.43
N THR B 143 42.52 17.55 -17.01
CA THR B 143 41.72 16.35 -16.81
C THR B 143 41.70 15.54 -18.08
N LEU B 144 42.01 14.25 -17.93
CA LEU B 144 42.03 13.27 -19.00
C LEU B 144 41.04 12.19 -18.64
N GLY B 145 40.68 11.38 -19.60
CA GLY B 145 39.75 10.32 -19.34
C GLY B 145 39.96 9.09 -20.19
N CYS B 146 39.18 8.07 -19.89
CA CYS B 146 39.22 6.78 -20.55
C CYS B 146 37.78 6.30 -20.60
N LEU B 147 37.27 6.03 -21.81
CA LEU B 147 35.90 5.55 -22.01
C LEU B 147 35.95 4.09 -22.37
N VAL B 148 35.31 3.23 -21.54
CA VAL B 148 35.26 1.78 -21.73
C VAL B 148 33.83 1.46 -22.15
N LYS B 149 33.64 1.27 -23.44
CA LYS B 149 32.32 1.10 -24.01
C LYS B 149 31.97 -0.28 -24.60
N GLY B 150 30.72 -0.68 -24.38
CA GLY B 150 30.11 -1.86 -24.95
C GLY B 150 30.67 -3.21 -24.60
N TYR B 151 30.80 -3.50 -23.32
CA TYR B 151 31.29 -4.81 -22.89
C TYR B 151 30.24 -5.60 -22.13
N PHE B 152 30.43 -6.90 -22.11
CA PHE B 152 29.61 -7.82 -21.35
C PHE B 152 30.43 -9.07 -21.06
N PRO B 153 30.37 -9.61 -19.84
CA PRO B 153 29.65 -9.10 -18.65
C PRO B 153 30.53 -8.21 -17.82
N GLU B 154 30.05 -7.81 -16.66
CA GLU B 154 30.91 -7.11 -15.73
C GLU B 154 31.83 -8.13 -15.05
N PRO B 155 32.96 -7.73 -14.46
CA PRO B 155 33.54 -6.40 -14.37
C PRO B 155 34.67 -6.15 -15.38
N VAL B 156 35.17 -4.91 -15.34
CA VAL B 156 36.41 -4.50 -15.96
C VAL B 156 37.23 -3.91 -14.81
N THR B 157 38.55 -3.95 -14.94
CA THR B 157 39.41 -3.29 -13.99
C THR B 157 40.07 -2.19 -14.78
N LEU B 158 40.18 -1.03 -14.18
CA LEU B 158 40.83 0.10 -14.81
C LEU B 158 41.84 0.71 -13.86
N THR B 159 43.08 0.90 -14.34
CA THR B 159 44.13 1.58 -13.60
C THR B 159 44.74 2.64 -14.50
N TRP B 160 45.52 3.53 -13.91
CA TRP B 160 46.24 4.57 -14.64
C TRP B 160 47.70 4.38 -14.36
N ASN B 161 48.53 4.38 -15.41
CA ASN B 161 49.98 4.18 -15.30
C ASN B 161 50.34 2.98 -14.45
N SER B 162 49.66 1.85 -14.74
CA SER B 162 49.83 0.55 -14.11
C SER B 162 49.60 0.57 -12.58
N GLY B 163 48.78 1.53 -12.13
CA GLY B 163 48.44 1.68 -10.72
C GLY B 163 49.26 2.73 -10.01
N SER B 164 50.34 3.23 -10.64
CA SER B 164 51.21 4.25 -10.04
C SER B 164 50.55 5.62 -9.96
N LEU B 165 49.50 5.86 -10.75
CA LEU B 165 48.75 7.10 -10.73
C LEU B 165 47.36 6.77 -10.13
N SER B 166 47.15 7.05 -8.86
CA SER B 166 45.91 6.72 -8.15
C SER B 166 45.18 7.94 -7.58
N SER B 167 45.93 8.97 -7.21
CA SER B 167 45.30 10.17 -6.69
C SER B 167 44.71 10.99 -7.87
N GLY B 168 43.61 11.67 -7.60
CA GLY B 168 42.91 12.50 -8.58
C GLY B 168 42.14 11.69 -9.62
N VAL B 169 41.86 10.43 -9.32
CA VAL B 169 41.17 9.49 -10.20
C VAL B 169 39.70 9.32 -9.77
N HIS B 170 38.77 9.30 -10.75
CA HIS B 170 37.34 9.00 -10.57
C HIS B 170 36.93 7.97 -11.56
N THR B 171 36.72 6.73 -11.11
CA THR B 171 36.24 5.65 -11.96
C THR B 171 34.76 5.51 -11.67
N PHE B 172 33.94 5.73 -12.69
CA PHE B 172 32.49 5.76 -12.55
C PHE B 172 31.82 4.42 -12.64
N PRO B 173 30.71 4.18 -11.90
CA PRO B 173 30.04 2.88 -12.00
C PRO B 173 29.55 2.61 -13.40
N ALA B 174 29.63 1.33 -13.84
CA ALA B 174 29.15 0.96 -15.17
C ALA B 174 27.65 1.08 -15.22
N VAL B 175 27.12 1.44 -16.39
CA VAL B 175 25.69 1.48 -16.62
C VAL B 175 25.44 0.73 -17.90
N LEU B 176 24.21 0.19 -18.02
CA LEU B 176 23.76 -0.58 -19.18
C LEU B 176 23.24 0.30 -20.29
N GLN B 177 23.71 0.08 -21.50
CA GLN B 177 23.30 0.74 -22.74
C GLN B 177 22.88 -0.46 -23.56
N SER B 178 21.60 -0.70 -23.41
CA SER B 178 20.84 -1.81 -23.91
C SER B 178 21.24 -3.07 -23.15
N ASP B 179 22.14 -3.82 -23.73
CA ASP B 179 22.55 -5.14 -23.36
C ASP B 179 23.97 -5.07 -22.83
N LEU B 180 24.69 -3.99 -23.19
CA LEU B 180 26.11 -3.83 -22.88
C LEU B 180 26.42 -2.79 -21.85
N TYR B 181 27.53 -2.97 -21.15
CA TYR B 181 27.98 -2.01 -20.14
C TYR B 181 28.93 -0.98 -20.69
N THR B 182 28.93 0.19 -20.07
CA THR B 182 29.83 1.30 -20.38
C THR B 182 30.25 1.93 -19.06
N LEU B 183 31.55 2.19 -18.93
CA LEU B 183 32.08 2.97 -17.83
C LEU B 183 33.14 3.93 -18.33
N SER B 184 33.45 4.90 -17.51
CA SER B 184 34.46 5.91 -17.81
C SER B 184 35.26 6.17 -16.54
N SER B 185 36.47 6.70 -16.71
CA SER B 185 37.34 7.13 -15.62
C SER B 185 38.00 8.44 -16.00
N SER B 186 38.12 9.34 -15.04
CA SER B 186 38.83 10.61 -15.22
C SER B 186 40.06 10.59 -14.33
N VAL B 187 41.11 11.28 -14.76
CA VAL B 187 42.31 11.51 -13.97
C VAL B 187 42.72 12.97 -14.13
N THR B 188 42.99 13.63 -13.02
CA THR B 188 43.43 15.00 -13.01
C THR B 188 44.87 15.09 -12.54
N VAL B 189 45.72 15.73 -13.35
CA VAL B 189 47.16 15.91 -13.04
C VAL B 189 47.53 17.36 -13.25
N THR B 190 48.72 17.78 -12.83
CA THR B 190 49.17 19.14 -13.05
C THR B 190 49.45 19.29 -14.56
N SER B 191 49.34 20.52 -15.11
CA SER B 191 49.66 20.77 -16.53
C SER B 191 51.18 20.53 -16.81
N SER B 192 52.04 20.59 -15.76
CA SER B 192 53.48 20.31 -15.89
C SER B 192 53.73 18.78 -16.00
N THR B 193 52.68 17.96 -15.78
CA THR B 193 52.78 16.51 -15.83
C THR B 193 52.45 16.03 -17.23
N TRP B 194 51.34 16.49 -17.81
CA TRP B 194 50.87 16.04 -19.11
C TRP B 194 50.70 17.23 -20.08
N PRO B 195 51.07 17.10 -21.36
CA PRO B 195 51.55 15.89 -22.07
C PRO B 195 53.04 15.57 -22.01
N SER B 196 53.83 16.30 -21.24
CA SER B 196 55.28 16.05 -21.18
C SER B 196 55.63 14.65 -20.66
N GLN B 197 54.74 14.08 -19.84
CA GLN B 197 54.88 12.74 -19.26
C GLN B 197 53.72 11.86 -19.69
N SER B 198 54.01 10.59 -19.85
CA SER B 198 53.08 9.57 -20.32
C SER B 198 51.95 9.25 -19.35
N ILE B 199 50.71 9.25 -19.85
CA ILE B 199 49.54 8.86 -19.08
C ILE B 199 48.76 7.83 -19.89
N THR B 200 48.60 6.63 -19.34
CA THR B 200 47.97 5.49 -20.00
C THR B 200 46.91 4.88 -19.12
N CYS B 201 45.72 4.60 -19.67
CA CYS B 201 44.75 3.85 -18.85
C CYS B 201 44.87 2.39 -19.24
N ASN B 202 44.87 1.52 -18.25
CA ASN B 202 45.02 0.09 -18.43
C ASN B 202 43.70 -0.54 -18.09
N VAL B 203 43.04 -1.14 -19.08
CA VAL B 203 41.73 -1.77 -18.92
C VAL B 203 41.84 -3.28 -19.14
N ALA B 204 41.38 -4.07 -18.16
CA ALA B 204 41.32 -5.50 -18.32
C ALA B 204 39.86 -5.94 -18.20
N HIS B 205 39.45 -6.87 -19.07
CA HIS B 205 38.10 -7.48 -19.09
C HIS B 205 38.36 -8.97 -19.00
N PRO B 206 38.48 -9.52 -17.77
CA PRO B 206 38.91 -10.92 -17.64
C PRO B 206 38.04 -11.94 -18.36
N ALA B 207 36.72 -11.65 -18.50
CA ALA B 207 35.75 -12.53 -19.13
C ALA B 207 36.04 -12.78 -20.58
N SER B 208 36.54 -11.76 -21.30
CA SER B 208 36.89 -11.91 -22.71
C SER B 208 38.39 -12.08 -22.87
N SER B 209 39.14 -12.16 -21.74
CA SER B 209 40.59 -12.30 -21.73
C SER B 209 41.26 -11.17 -22.52
N THR B 210 40.72 -9.94 -22.39
CA THR B 210 41.17 -8.72 -23.08
C THR B 210 41.86 -7.81 -22.04
N LYS B 211 42.96 -7.20 -22.45
CA LYS B 211 43.77 -6.27 -21.71
C LYS B 211 44.13 -5.24 -22.77
N VAL B 212 43.80 -4.00 -22.52
CA VAL B 212 44.03 -2.88 -23.43
C VAL B 212 44.75 -1.77 -22.64
N ASP B 213 45.80 -1.19 -23.23
CA ASP B 213 46.48 -0.04 -22.69
C ASP B 213 46.29 1.10 -23.70
N LYS B 214 45.65 2.20 -23.26
CA LYS B 214 45.44 3.35 -24.11
C LYS B 214 46.16 4.54 -23.55
N LYS B 215 47.24 4.95 -24.26
CA LYS B 215 47.99 6.14 -23.94
C LYS B 215 47.12 7.34 -24.35
N ILE B 216 47.04 8.36 -23.47
CA ILE B 216 46.27 9.56 -23.80
C ILE B 216 47.19 10.51 -24.53
N GLU B 217 46.88 10.76 -25.79
CA GLU B 217 47.69 11.65 -26.62
C GLU B 217 47.01 12.99 -26.81
N PRO B 218 47.77 14.10 -26.87
CA PRO B 218 47.13 15.40 -27.17
C PRO B 218 46.51 15.34 -28.56
N ARG B 219 45.33 15.95 -28.71
CA ARG B 219 44.66 15.97 -30.00
C ARG B 219 45.35 16.90 -30.97
N GLY B 220 45.35 16.51 -32.24
CA GLY B 220 45.88 17.29 -33.34
C GLY B 220 44.77 17.94 -34.14
N PRO B 221 45.13 18.73 -35.17
CA PRO B 221 44.11 19.37 -36.00
C PRO B 221 43.23 18.40 -36.80
N THR B 222 41.99 18.88 -37.11
CA THR B 222 40.96 18.16 -37.88
C THR B 222 41.14 18.40 -39.39
N ASP C 1 0.05 -4.81 -2.07
CA ASP C 1 1.25 -4.87 -1.21
C ASP C 1 1.32 -3.65 -0.35
N VAL C 2 1.90 -3.82 0.84
CA VAL C 2 2.03 -2.72 1.77
C VAL C 2 3.23 -1.90 1.31
N VAL C 3 2.96 -0.65 0.95
CA VAL C 3 3.98 0.28 0.49
C VAL C 3 4.58 0.97 1.70
N MET C 4 5.91 0.95 1.78
CA MET C 4 6.70 1.56 2.83
C MET C 4 7.33 2.82 2.28
N THR C 5 6.81 3.97 2.70
CA THR C 5 7.27 5.27 2.23
C THR C 5 8.27 5.85 3.22
N GLN C 6 9.48 5.90 2.78
CA GLN C 6 10.59 6.36 3.57
C GLN C 6 11.00 7.80 3.23
N THR C 7 11.16 8.67 4.24
CA THR C 7 11.56 10.08 4.00
C THR C 7 12.57 10.53 5.05
N PRO C 8 13.61 11.33 4.69
CA PRO C 8 13.98 11.74 3.33
C PRO C 8 14.73 10.62 2.60
N LEU C 9 14.89 10.72 1.29
CA LEU C 9 15.65 9.68 0.60
C LEU C 9 17.17 9.86 0.77
N SER C 10 17.61 11.10 0.94
CA SER C 10 18.99 11.50 1.18
C SER C 10 19.00 12.35 2.44
N LEU C 11 19.91 12.03 3.38
CA LEU C 11 20.04 12.75 4.63
C LEU C 11 21.48 13.15 4.93
N PRO C 12 21.87 14.40 4.51
CA PRO C 12 23.23 14.89 4.83
C PRO C 12 23.28 15.35 6.29
N VAL C 13 24.30 14.89 7.04
CA VAL C 13 24.48 15.20 8.45
C VAL C 13 25.94 15.45 8.71
N SER C 14 26.25 16.08 9.83
CA SER C 14 27.62 16.26 10.28
C SER C 14 27.84 15.22 11.35
N LEU C 15 29.07 14.74 11.48
CA LEU C 15 29.36 13.80 12.55
C LEU C 15 29.11 14.48 13.90
N GLY C 16 28.39 13.78 14.77
CA GLY C 16 27.99 14.27 16.08
C GLY C 16 26.58 14.79 16.12
N ASP C 17 25.98 15.02 14.94
CA ASP C 17 24.59 15.51 14.81
C ASP C 17 23.59 14.38 15.15
N GLN C 18 22.31 14.75 15.28
CA GLN C 18 21.21 13.80 15.39
C GLN C 18 20.57 13.69 13.99
N ALA C 19 20.14 12.48 13.60
CA ALA C 19 19.46 12.21 12.34
C ALA C 19 18.12 11.56 12.67
N SER C 20 17.05 11.95 11.94
CA SER C 20 15.70 11.41 12.08
C SER C 20 15.23 10.89 10.72
N ILE C 21 14.78 9.64 10.66
CA ILE C 21 14.28 9.02 9.41
C ILE C 21 12.86 8.55 9.67
N SER C 22 11.95 8.90 8.78
CA SER C 22 10.55 8.54 8.85
C SER C 22 10.20 7.38 7.88
N CYS C 23 9.33 6.49 8.32
CA CYS C 23 8.78 5.41 7.53
C CYS C 23 7.28 5.43 7.75
N ARG C 24 6.50 5.58 6.67
CA ARG C 24 5.04 5.51 6.75
C ARG C 24 4.54 4.30 5.90
N SER C 25 3.71 3.44 6.49
CA SER C 25 3.15 2.30 5.74
C SER C 25 1.77 2.62 5.17
N SER C 26 1.39 1.97 4.05
CA SER C 26 0.11 2.20 3.39
C SER C 26 -1.09 1.63 4.13
N GLN C 27 -0.82 0.72 5.08
CA GLN C 27 -1.84 0.17 5.97
C GLN C 27 -1.20 -0.15 7.31
N SER C 28 -2.03 -0.29 8.35
CA SER C 28 -1.56 -0.58 9.70
C SER C 28 -0.71 -1.83 9.73
N LEU C 29 0.40 -1.75 10.48
CA LEU C 29 1.31 -2.87 10.64
C LEU C 29 0.98 -3.70 11.88
N VAL C 30 -0.17 -3.43 12.52
CA VAL C 30 -0.57 -4.20 13.70
C VAL C 30 -1.10 -5.55 13.21
N HIS C 31 -0.41 -6.63 13.59
CA HIS C 31 -0.75 -8.02 13.29
C HIS C 31 -1.95 -8.43 14.13
N SER C 32 -2.65 -9.51 13.73
CA SER C 32 -3.79 -10.06 14.47
C SER C 32 -3.38 -10.51 15.89
N ASN C 33 -2.08 -10.84 16.09
CA ASN C 33 -1.56 -11.25 17.40
C ASN C 33 -1.23 -10.04 18.35
N GLY C 34 -1.45 -8.82 17.86
CA GLY C 34 -1.23 -7.58 18.60
C GLY C 34 0.14 -6.94 18.44
N ASN C 35 1.10 -7.65 17.84
CA ASN C 35 2.44 -7.10 17.64
C ASN C 35 2.53 -6.28 16.36
N THR C 36 3.53 -5.39 16.28
CA THR C 36 3.80 -4.54 15.12
C THR C 36 5.19 -4.90 14.57
N TYR C 37 5.21 -5.61 13.45
CA TYR C 37 6.43 -6.11 12.85
C TYR C 37 7.06 -5.15 11.88
N LEU C 38 7.58 -4.05 12.45
CA LEU C 38 8.27 -3.00 11.73
C LEU C 38 9.74 -3.06 12.19
N HIS C 39 10.67 -3.22 11.23
CA HIS C 39 12.10 -3.32 11.49
C HIS C 39 12.89 -2.20 10.80
N TRP C 40 14.07 -1.92 11.31
CA TRP C 40 14.99 -0.96 10.71
C TRP C 40 16.31 -1.67 10.48
N TYR C 41 16.87 -1.46 9.30
CA TYR C 41 18.17 -2.05 8.91
C TYR C 41 19.11 -0.98 8.42
N LEU C 42 20.40 -1.27 8.52
CA LEU C 42 21.46 -0.44 7.98
C LEU C 42 22.25 -1.32 7.03
N GLN C 43 22.55 -0.80 5.83
CA GLN C 43 23.36 -1.48 4.84
C GLN C 43 24.51 -0.56 4.41
N LYS C 44 25.72 -1.08 4.51
CA LYS C 44 26.94 -0.37 4.11
C LYS C 44 27.40 -0.83 2.76
N PRO C 45 28.19 -0.01 2.00
CA PRO C 45 28.57 -0.43 0.64
C PRO C 45 29.33 -1.76 0.63
N GLY C 46 28.95 -2.63 -0.30
CA GLY C 46 29.54 -3.95 -0.44
C GLY C 46 29.17 -4.94 0.66
N GLN C 47 28.33 -4.49 1.59
CA GLN C 47 27.91 -5.31 2.72
C GLN C 47 26.41 -5.59 2.69
N SER C 48 26.01 -6.59 3.48
CA SER C 48 24.61 -6.94 3.61
C SER C 48 23.93 -6.14 4.73
N PRO C 49 22.60 -6.04 4.68
CA PRO C 49 21.88 -5.34 5.75
C PRO C 49 22.12 -5.96 7.14
N LYS C 50 22.12 -5.09 8.15
CA LYS C 50 22.27 -5.46 9.57
C LYS C 50 21.05 -4.95 10.28
N LEU C 51 20.43 -5.81 11.07
CA LEU C 51 19.22 -5.46 11.80
C LEU C 51 19.57 -4.53 12.94
N LEU C 52 18.88 -3.39 13.01
CA LEU C 52 19.10 -2.43 14.08
C LEU C 52 18.00 -2.50 15.13
N ILE C 53 16.76 -2.37 14.68
CA ILE C 53 15.58 -2.30 15.54
C ILE C 53 14.54 -3.28 15.03
N TYR C 54 13.95 -4.10 15.92
CA TYR C 54 12.86 -4.99 15.53
C TYR C 54 11.64 -4.60 16.33
N LYS C 55 10.46 -4.90 15.77
CA LYS C 55 9.18 -4.59 16.41
C LYS C 55 9.13 -3.16 16.94
N VAL C 56 9.37 -2.19 16.03
CA VAL C 56 9.27 -0.75 16.23
C VAL C 56 10.38 -0.15 17.07
N SER C 57 10.61 -0.69 18.28
CA SER C 57 11.47 -0.05 19.26
C SER C 57 12.45 -0.93 19.99
N ASN C 58 12.60 -2.19 19.59
CA ASN C 58 13.53 -3.07 20.30
C ASN C 58 14.87 -3.10 19.62
N ARG C 59 15.93 -2.73 20.33
CA ARG C 59 17.28 -2.76 19.78
C ARG C 59 17.76 -4.20 19.68
N PHE C 60 18.30 -4.56 18.53
CA PHE C 60 18.81 -5.89 18.32
C PHE C 60 20.14 -6.05 19.07
N SER C 61 20.59 -7.29 19.30
CA SER C 61 21.83 -7.57 20.01
C SER C 61 23.02 -6.77 19.43
N GLY C 62 23.70 -6.07 20.33
CA GLY C 62 24.86 -5.28 20.00
C GLY C 62 24.64 -3.89 19.43
N VAL C 63 23.39 -3.53 19.17
CA VAL C 63 23.05 -2.21 18.62
C VAL C 63 23.16 -1.13 19.73
N PRO C 64 23.96 -0.07 19.46
CA PRO C 64 24.13 0.99 20.48
C PRO C 64 22.85 1.73 20.84
N ASP C 65 22.80 2.26 22.08
CA ASP C 65 21.75 3.07 22.71
C ASP C 65 21.42 4.33 21.88
N ARG C 66 22.35 4.73 20.98
CA ARG C 66 22.18 5.92 20.16
C ARG C 66 21.11 5.75 19.09
N PHE C 67 20.73 4.49 18.77
CA PHE C 67 19.67 4.18 17.83
C PHE C 67 18.38 3.93 18.59
N SER C 68 17.32 4.62 18.23
CA SER C 68 16.03 4.40 18.86
C SER C 68 14.93 4.46 17.85
N GLY C 69 13.97 3.57 18.00
CA GLY C 69 12.81 3.51 17.13
C GLY C 69 11.55 3.85 17.88
N SER C 70 10.61 4.50 17.20
CA SER C 70 9.33 4.88 17.80
C SER C 70 8.25 4.88 16.74
N GLY C 71 7.01 5.10 17.18
CA GLY C 71 5.86 5.13 16.31
C GLY C 71 4.88 4.01 16.57
N SER C 72 3.79 4.00 15.79
CA SER C 72 2.71 3.01 15.89
C SER C 72 1.84 3.05 14.66
N GLY C 73 1.15 1.95 14.40
CA GLY C 73 0.19 1.80 13.32
C GLY C 73 0.78 1.88 11.93
N THR C 74 0.83 3.11 11.37
CA THR C 74 1.35 3.40 10.02
C THR C 74 2.51 4.39 10.04
N ASP C 75 2.82 5.01 11.20
CA ASP C 75 3.84 6.05 11.26
C ASP C 75 4.99 5.69 12.22
N PHE C 76 6.23 5.64 11.67
CA PHE C 76 7.41 5.20 12.39
C PHE C 76 8.60 6.09 12.20
N THR C 77 9.47 6.15 13.21
CA THR C 77 10.66 6.99 13.14
C THR C 77 11.86 6.27 13.70
N LEU C 78 13.01 6.39 13.01
CA LEU C 78 14.31 5.97 13.53
C LEU C 78 15.10 7.26 13.88
N LYS C 79 15.59 7.37 15.11
CA LYS C 79 16.43 8.49 15.54
C LYS C 79 17.84 7.96 15.87
N ILE C 80 18.88 8.66 15.36
CA ILE C 80 20.30 8.35 15.59
C ILE C 80 20.86 9.58 16.32
N SER C 81 21.28 9.41 17.58
CA SER C 81 21.67 10.51 18.47
C SER C 81 22.96 11.32 18.17
N ARG C 82 24.14 10.67 17.99
CA ARG C 82 25.45 11.35 17.81
C ARG C 82 26.09 10.61 16.66
N VAL C 83 25.69 10.92 15.43
CA VAL C 83 26.14 10.22 14.23
C VAL C 83 27.65 10.08 14.16
N GLU C 84 28.11 8.85 13.95
CA GLU C 84 29.54 8.53 13.78
C GLU C 84 29.77 8.09 12.34
N ALA C 85 31.03 8.06 11.88
CA ALA C 85 31.34 7.64 10.53
C ALA C 85 30.82 6.23 10.22
N GLU C 86 30.85 5.31 11.21
CA GLU C 86 30.38 3.94 11.03
C GLU C 86 28.87 3.84 10.84
N ASP C 87 28.12 4.93 11.04
CA ASP C 87 26.69 4.94 10.86
C ASP C 87 26.32 5.29 9.43
N LEU C 88 27.27 5.81 8.65
CA LEU C 88 26.99 6.22 7.29
C LEU C 88 26.68 4.99 6.44
N GLY C 89 25.64 5.10 5.66
CA GLY C 89 25.14 4.02 4.82
C GLY C 89 23.68 4.22 4.52
N ILE C 90 23.00 3.16 4.09
CA ILE C 90 21.60 3.21 3.71
C ILE C 90 20.76 2.54 4.76
N TYR C 91 19.78 3.25 5.26
CA TYR C 91 18.84 2.77 6.26
C TYR C 91 17.56 2.41 5.56
N PHE C 92 16.98 1.25 5.87
CA PHE C 92 15.70 0.86 5.30
C PHE C 92 14.79 0.39 6.42
N CYS C 93 13.47 0.62 6.25
CA CYS C 93 12.45 0.04 7.12
C CYS C 93 11.89 -1.18 6.40
N SER C 94 11.38 -2.14 7.15
CA SER C 94 10.77 -3.32 6.59
C SER C 94 9.55 -3.69 7.42
N GLN C 95 8.55 -4.32 6.80
CA GLN C 95 7.44 -4.85 7.53
C GLN C 95 7.28 -6.35 7.23
N ASN C 96 6.95 -7.14 8.25
CA ASN C 96 6.63 -8.56 8.09
C ASN C 96 5.34 -8.92 8.80
N THR C 97 4.44 -7.95 8.91
CA THR C 97 3.11 -8.21 9.42
C THR C 97 2.33 -8.90 8.30
N HIS C 98 2.51 -8.41 7.06
CA HIS C 98 1.75 -8.83 5.89
C HIS C 98 2.58 -9.51 4.85
N VAL C 99 1.97 -10.44 4.09
CA VAL C 99 2.60 -11.13 2.95
C VAL C 99 2.14 -10.41 1.66
N PRO C 100 3.07 -9.98 0.78
CA PRO C 100 4.54 -10.09 0.89
C PRO C 100 5.16 -9.12 1.88
N LEU C 101 6.27 -9.53 2.47
CA LEU C 101 7.11 -8.69 3.32
C LEU C 101 7.66 -7.61 2.40
N THR C 102 7.71 -6.35 2.87
CA THR C 102 8.12 -5.22 2.02
C THR C 102 9.09 -4.31 2.73
N PHE C 103 9.76 -3.45 1.93
CA PHE C 103 10.80 -2.56 2.42
C PHE C 103 10.65 -1.19 1.86
N GLY C 104 11.15 -0.22 2.59
CA GLY C 104 11.23 1.14 2.09
C GLY C 104 12.33 1.23 1.06
N ALA C 105 12.38 2.33 0.32
CA ALA C 105 13.38 2.53 -0.73
C ALA C 105 14.79 2.80 -0.18
N GLY C 106 14.89 3.16 1.10
CA GLY C 106 16.14 3.48 1.74
C GLY C 106 16.41 4.97 1.84
N THR C 107 17.12 5.35 2.93
CA THR C 107 17.56 6.70 3.22
C THR C 107 19.07 6.61 3.26
N LYS C 108 19.73 7.38 2.41
CA LYS C 108 21.17 7.41 2.40
C LYS C 108 21.64 8.45 3.42
N LEU C 109 22.26 8.00 4.51
CA LEU C 109 22.83 8.90 5.52
C LEU C 109 24.24 9.21 5.04
N GLU C 110 24.47 10.49 4.68
CA GLU C 110 25.72 10.96 4.07
C GLU C 110 26.31 12.11 4.86
N LEU C 111 27.55 12.45 4.55
CA LEU C 111 28.25 13.51 5.24
C LEU C 111 28.03 14.92 4.65
N LYS C 112 27.92 15.92 5.53
CA LYS C 112 27.75 17.30 5.09
C LYS C 112 29.16 17.93 5.04
N ARG C 113 29.37 18.86 4.11
CA ARG C 113 30.60 19.63 3.98
C ARG C 113 30.24 20.94 3.32
N ALA C 114 31.19 21.88 3.17
CA ALA C 114 30.92 23.16 2.52
C ALA C 114 30.65 22.95 1.04
N ASP C 115 29.83 23.84 0.46
CA ASP C 115 29.51 23.79 -0.95
C ASP C 115 30.79 23.89 -1.78
N ALA C 116 30.82 23.16 -2.87
CA ALA C 116 31.95 23.14 -3.80
C ALA C 116 31.37 23.06 -5.18
N ALA C 117 31.83 23.97 -6.05
CA ALA C 117 31.38 23.97 -7.44
C ALA C 117 32.04 22.82 -8.17
N PRO C 118 31.35 22.23 -9.15
CA PRO C 118 31.98 21.15 -9.92
C PRO C 118 33.09 21.69 -10.85
N THR C 119 34.07 20.85 -11.09
CA THR C 119 35.12 21.09 -12.06
C THR C 119 34.60 20.37 -13.29
N VAL C 120 34.22 21.14 -14.31
CA VAL C 120 33.62 20.60 -15.53
C VAL C 120 34.63 20.48 -16.67
N SER C 121 34.71 19.31 -17.32
CA SER C 121 35.60 19.04 -18.44
C SER C 121 34.81 18.32 -19.54
N ILE C 122 34.90 18.80 -20.78
CA ILE C 122 34.24 18.22 -21.95
C ILE C 122 35.27 17.59 -22.90
N PHE C 123 34.89 16.44 -23.51
CA PHE C 123 35.74 15.65 -24.38
C PHE C 123 35.05 15.27 -25.68
N PRO C 124 35.65 15.61 -26.82
CA PRO C 124 35.08 15.20 -28.09
C PRO C 124 35.28 13.70 -28.31
N PRO C 125 34.57 13.14 -29.31
CA PRO C 125 34.80 11.73 -29.69
C PRO C 125 36.25 11.50 -30.10
N SER C 126 36.78 10.33 -29.77
CA SER C 126 38.14 9.97 -30.15
C SER C 126 38.14 9.59 -31.62
N SER C 127 39.31 9.69 -32.27
CA SER C 127 39.43 9.30 -33.69
C SER C 127 39.09 7.84 -33.86
N GLU C 128 39.50 6.99 -32.91
CA GLU C 128 39.25 5.54 -32.88
C GLU C 128 37.73 5.26 -32.88
N GLN C 129 36.94 5.98 -32.05
CA GLN C 129 35.49 5.76 -32.02
C GLN C 129 34.83 6.21 -33.32
N LEU C 130 35.27 7.35 -33.87
CA LEU C 130 34.77 7.89 -35.13
C LEU C 130 35.02 6.94 -36.29
N THR C 131 36.20 6.28 -36.29
CA THR C 131 36.54 5.26 -37.32
C THR C 131 35.50 4.14 -37.25
N SER C 132 35.10 3.75 -36.03
CA SER C 132 34.08 2.72 -35.76
C SER C 132 32.65 3.19 -36.18
N GLY C 133 32.48 4.47 -36.49
CA GLY C 133 31.20 5.07 -36.87
C GLY C 133 30.34 5.63 -35.73
N GLY C 134 30.91 5.66 -34.52
CA GLY C 134 30.24 6.16 -33.33
C GLY C 134 30.80 7.48 -32.86
N ALA C 135 30.05 8.21 -32.05
CA ALA C 135 30.53 9.48 -31.55
C ALA C 135 30.02 9.77 -30.15
N SER C 136 30.85 9.57 -29.13
CA SER C 136 30.43 9.86 -27.76
C SER C 136 31.13 11.11 -27.32
N VAL C 137 30.35 12.03 -26.71
CA VAL C 137 30.86 13.28 -26.16
C VAL C 137 30.74 13.10 -24.67
N VAL C 138 31.85 13.21 -23.93
CA VAL C 138 31.90 12.95 -22.49
C VAL C 138 32.09 14.23 -21.74
N CYS C 139 31.40 14.34 -20.63
CA CYS C 139 31.52 15.47 -19.73
C CYS C 139 31.71 14.93 -18.31
N PHE C 140 32.79 15.34 -17.65
CA PHE C 140 33.00 15.01 -16.24
C PHE C 140 32.64 16.25 -15.42
N LEU C 141 31.90 16.04 -14.32
CA LEU C 141 31.48 17.08 -13.40
C LEU C 141 32.03 16.57 -12.09
N ASN C 142 33.22 17.04 -11.72
CA ASN C 142 33.94 16.46 -10.61
C ASN C 142 34.06 17.29 -9.35
N ASN C 143 34.06 16.58 -8.21
CA ASN C 143 34.29 17.06 -6.88
C ASN C 143 33.41 18.26 -6.49
N PHE C 144 32.10 18.05 -6.59
CA PHE C 144 31.14 19.07 -6.21
C PHE C 144 30.39 18.68 -4.95
N TYR C 145 29.76 19.66 -4.32
CA TYR C 145 28.93 19.48 -3.14
C TYR C 145 27.94 20.64 -3.06
N PRO C 146 26.60 20.44 -2.85
CA PRO C 146 25.88 19.17 -2.58
C PRO C 146 25.77 18.28 -3.83
N LYS C 147 25.24 17.05 -3.64
CA LYS C 147 25.10 16.06 -4.69
C LYS C 147 24.12 16.42 -5.80
N ASP C 148 23.16 17.31 -5.53
CA ASP C 148 22.15 17.70 -6.53
C ASP C 148 22.75 18.55 -7.62
N ILE C 149 22.59 18.08 -8.85
CA ILE C 149 23.17 18.70 -10.02
C ILE C 149 22.36 18.28 -11.23
N ASN C 150 22.27 19.16 -12.22
CA ASN C 150 21.59 18.88 -13.48
C ASN C 150 22.56 19.13 -14.58
N VAL C 151 22.56 18.25 -15.58
CA VAL C 151 23.38 18.39 -16.77
C VAL C 151 22.45 18.54 -17.96
N LYS C 152 22.76 19.52 -18.78
CA LYS C 152 22.01 19.76 -19.99
C LYS C 152 23.02 19.73 -21.11
N TRP C 153 22.69 19.00 -22.18
CA TRP C 153 23.52 18.93 -23.36
C TRP C 153 22.90 19.83 -24.40
N LYS C 154 23.73 20.60 -25.12
CA LYS C 154 23.30 21.46 -26.23
C LYS C 154 24.17 21.20 -27.43
N ILE C 155 23.54 21.14 -28.60
CA ILE C 155 24.19 20.94 -29.88
C ILE C 155 23.79 22.18 -30.68
N ASP C 156 24.77 23.01 -31.08
CA ASP C 156 24.54 24.28 -31.77
C ASP C 156 23.48 25.11 -31.04
N GLY C 157 23.61 25.17 -29.70
CA GLY C 157 22.70 25.90 -28.83
C GLY C 157 21.33 25.31 -28.57
N SER C 158 21.02 24.16 -29.18
CA SER C 158 19.73 23.49 -28.98
C SER C 158 19.87 22.29 -28.03
N GLU C 159 19.00 22.22 -27.01
CA GLU C 159 18.98 21.13 -26.03
C GLU C 159 18.82 19.75 -26.69
N ARG C 160 19.59 18.77 -26.21
CA ARG C 160 19.56 17.38 -26.67
C ARG C 160 19.34 16.47 -25.46
N GLN C 161 18.23 15.70 -25.47
CA GLN C 161 17.90 14.82 -24.34
C GLN C 161 18.19 13.33 -24.60
N ASN C 162 17.86 12.86 -25.83
CA ASN C 162 18.05 11.47 -26.25
C ASN C 162 19.53 11.08 -26.38
N GLY C 163 19.85 9.87 -25.90
CA GLY C 163 21.18 9.30 -25.97
C GLY C 163 22.13 9.75 -24.90
N VAL C 164 21.60 10.29 -23.79
CA VAL C 164 22.41 10.74 -22.67
C VAL C 164 22.46 9.64 -21.61
N LEU C 165 23.66 9.25 -21.20
CA LEU C 165 23.93 8.19 -20.23
C LEU C 165 24.72 8.84 -19.08
N ASN C 166 24.15 8.78 -17.86
CA ASN C 166 24.81 9.39 -16.70
C ASN C 166 25.20 8.35 -15.67
N SER C 167 26.32 8.60 -14.97
CA SER C 167 26.81 7.75 -13.87
C SER C 167 27.33 8.67 -12.78
N TRP C 168 27.13 8.27 -11.52
CA TRP C 168 27.54 9.08 -10.37
C TRP C 168 28.37 8.25 -9.42
N THR C 169 29.42 8.85 -8.83
CA THR C 169 30.21 8.18 -7.81
C THR C 169 29.45 8.37 -6.49
N ASP C 170 29.75 7.53 -5.49
CA ASP C 170 29.23 7.68 -4.13
C ASP C 170 30.06 8.83 -3.53
N GLN C 171 29.64 9.33 -2.36
CA GLN C 171 30.37 10.40 -1.72
C GLN C 171 31.82 9.95 -1.43
N ASP C 172 32.81 10.82 -1.74
CA ASP C 172 34.21 10.53 -1.44
C ASP C 172 34.45 10.44 0.08
N SER C 173 35.15 9.40 0.54
CA SER C 173 35.43 9.20 1.97
C SER C 173 36.39 10.25 2.53
N LYS C 174 37.28 10.82 1.68
CA LYS C 174 38.30 11.79 2.09
C LYS C 174 37.90 13.28 1.92
N ASP C 175 37.26 13.67 0.81
CA ASP C 175 36.89 15.06 0.68
C ASP C 175 35.36 15.30 0.71
N SER C 176 34.55 14.22 0.85
CA SER C 176 33.10 14.24 0.96
C SER C 176 32.38 14.86 -0.24
N THR C 177 33.05 14.91 -1.42
CA THR C 177 32.43 15.46 -2.61
C THR C 177 31.83 14.34 -3.44
N TYR C 178 31.09 14.75 -4.50
CA TYR C 178 30.47 13.86 -5.45
C TYR C 178 31.04 14.17 -6.82
N SER C 179 31.05 13.18 -7.71
CA SER C 179 31.45 13.34 -9.10
C SER C 179 30.42 12.66 -9.99
N MET C 180 30.36 13.11 -11.24
CA MET C 180 29.41 12.64 -12.23
C MET C 180 30.07 12.57 -13.61
N SER C 181 29.66 11.59 -14.38
CA SER C 181 30.04 11.42 -15.77
C SER C 181 28.75 11.47 -16.60
N SER C 182 28.72 12.31 -17.64
CA SER C 182 27.57 12.39 -18.55
C SER C 182 28.10 12.17 -19.96
N THR C 183 27.57 11.17 -20.66
CA THR C 183 27.99 10.82 -22.01
C THR C 183 26.83 10.99 -22.98
N LEU C 184 27.02 11.77 -24.03
CA LEU C 184 26.04 11.97 -25.08
C LEU C 184 26.50 11.06 -26.21
N THR C 185 25.72 10.00 -26.54
CA THR C 185 26.09 9.11 -27.64
C THR C 185 25.23 9.38 -28.85
N LEU C 186 25.87 9.71 -29.96
CA LEU C 186 25.28 10.06 -31.24
C LEU C 186 25.87 9.14 -32.27
N THR C 187 25.31 9.17 -33.47
CA THR C 187 25.90 8.51 -34.61
C THR C 187 26.95 9.51 -35.08
N LYS C 188 27.96 9.02 -35.78
CA LYS C 188 28.96 9.89 -36.34
C LYS C 188 28.31 10.83 -37.39
N ASP C 189 27.28 10.38 -38.09
CA ASP C 189 26.56 11.21 -39.05
C ASP C 189 25.91 12.42 -38.36
N GLU C 190 25.26 12.18 -37.20
CA GLU C 190 24.65 13.24 -36.41
C GLU C 190 25.74 14.22 -35.92
N TYR C 191 26.85 13.67 -35.39
CA TYR C 191 27.98 14.45 -34.90
C TYR C 191 28.56 15.36 -36.00
N GLU C 192 28.69 14.81 -37.21
CA GLU C 192 29.25 15.52 -38.35
C GLU C 192 28.32 16.60 -38.94
N ARG C 193 27.08 16.73 -38.40
CA ARG C 193 26.07 17.69 -38.89
C ARG C 193 26.07 19.01 -38.11
N HIS C 194 26.71 19.03 -36.94
CA HIS C 194 26.72 20.19 -36.06
C HIS C 194 28.10 20.56 -35.63
N ASN C 195 28.32 21.84 -35.25
CA ASN C 195 29.64 22.36 -34.87
C ASN C 195 29.90 22.50 -33.37
N SER C 196 28.96 23.10 -32.63
CA SER C 196 29.13 23.36 -31.20
C SER C 196 28.49 22.30 -30.29
N TYR C 197 29.27 21.83 -29.31
CA TYR C 197 28.84 20.83 -28.32
C TYR C 197 29.08 21.39 -26.96
N THR C 198 28.02 21.44 -26.16
CA THR C 198 28.03 22.08 -24.85
C THR C 198 27.46 21.18 -23.76
N CYS C 199 28.16 21.13 -22.65
CA CYS C 199 27.79 20.49 -21.42
C CYS C 199 27.51 21.66 -20.43
N GLU C 200 26.28 21.75 -19.88
CA GLU C 200 25.91 22.82 -18.94
C GLU C 200 25.54 22.21 -17.63
N ALA C 201 26.21 22.62 -16.55
CA ALA C 201 25.95 22.11 -15.21
C ALA C 201 25.22 23.14 -14.39
N THR C 202 24.05 22.75 -13.83
CA THR C 202 23.25 23.61 -12.93
C THR C 202 23.45 23.06 -11.53
N HIS C 203 24.08 23.87 -10.67
CA HIS C 203 24.44 23.54 -9.31
C HIS C 203 24.15 24.74 -8.43
N LYS C 204 23.88 24.50 -7.14
CA LYS C 204 23.51 25.56 -6.23
C LYS C 204 24.64 26.59 -5.98
N THR C 205 25.88 26.26 -6.38
CA THR C 205 27.05 27.14 -6.22
C THR C 205 27.09 28.31 -7.22
N SER C 206 26.18 28.33 -8.21
CA SER C 206 26.12 29.41 -9.19
C SER C 206 24.68 29.68 -9.65
N THR C 207 24.32 30.94 -9.83
CA THR C 207 22.97 31.27 -10.32
C THR C 207 22.87 30.90 -11.81
N SER C 208 23.96 31.16 -12.55
CA SER C 208 24.11 30.86 -13.97
C SER C 208 24.82 29.51 -14.12
N PRO C 209 24.48 28.69 -15.13
CA PRO C 209 25.14 27.37 -15.22
C PRO C 209 26.60 27.44 -15.61
N ILE C 210 27.38 26.39 -15.22
CA ILE C 210 28.79 26.26 -15.62
C ILE C 210 28.74 25.65 -17.00
N VAL C 211 29.32 26.33 -18.00
CA VAL C 211 29.28 25.91 -19.39
C VAL C 211 30.67 25.49 -19.91
N LYS C 212 30.77 24.28 -20.46
CA LYS C 212 31.97 23.82 -21.13
C LYS C 212 31.57 23.43 -22.53
N SER C 213 32.29 23.96 -23.52
CA SER C 213 31.99 23.73 -24.92
C SER C 213 33.22 23.49 -25.76
N PHE C 214 33.01 22.94 -26.95
CA PHE C 214 34.03 22.80 -27.95
C PHE C 214 33.38 22.88 -29.29
N ASN C 215 34.17 23.23 -30.28
CA ASN C 215 33.77 23.33 -31.67
C ASN C 215 34.44 22.12 -32.39
N ARG C 216 33.66 21.35 -33.19
CA ARG C 216 34.12 20.15 -33.92
C ARG C 216 35.34 20.44 -34.86
N ASN C 217 35.54 21.70 -35.27
CA ASN C 217 36.69 22.11 -36.09
C ASN C 217 37.88 22.59 -35.20
N GLU C 218 38.84 21.68 -34.91
CA GLU C 218 39.92 22.00 -33.98
C GLU C 218 41.33 22.26 -34.58
N CYS C 219 42.04 23.23 -33.94
CA CYS C 219 43.40 23.74 -34.23
C CYS C 219 43.52 24.28 -35.67
C1 NAG D . -83.17 -7.87 13.73
C2 NAG D . -83.15 -8.37 12.29
C3 NAG D . -83.77 -7.32 11.34
C4 NAG D . -85.16 -6.93 11.80
C5 NAG D . -85.18 -6.55 13.29
C6 NAG D . -86.57 -6.38 13.83
C7 NAG D . -81.55 -9.84 11.16
C8 NAG D . -80.09 -10.11 10.90
N2 NAG D . -81.82 -8.72 11.85
O3 NAG D . -83.85 -7.87 10.02
O4 NAG D . -85.64 -5.85 11.00
O5 NAG D . -84.53 -7.56 14.08
O6 NAG D . -86.58 -5.85 15.15
O7 NAG D . -82.43 -10.59 10.76
#